data_4TK4
#
_entry.id   4TK4
#
_cell.length_a   160.180
_cell.length_b   160.180
_cell.length_c   127.910
_cell.angle_alpha   90.00
_cell.angle_beta   90.00
_cell.angle_gamma   120.00
#
_symmetry.space_group_name_H-M   'P 61'
#
loop_
_entity.id
_entity.type
_entity.pdbx_description
1 polymer Gephyrin
2 polymer 'Gamma-aminobutyric acid receptor subunit alpha-3'
#
loop_
_entity_poly.entity_id
_entity_poly.type
_entity_poly.pdbx_seq_one_letter_code
_entity_poly.pdbx_strand_id
1 'polypeptide(L)'
;MSPFPLTSMDKAFITVLEMTPVLGTEIINYRDGMGRVLAQDVYAKDNLPPFPASVKDGYAVRAADGPGDRFIIGESQAGE
QPTQTVMPGQVMRVTTGAPIPCGADAVVQVEDTELIRESDDGTEELEVRILVQARPGQDIRPIGHDIKRGECVLAKGTHM
GPSEIGLLATVGVTEVEVNKFPVVAVMSTGNELLNPEDDLLPGKIRDSNRSTLLATIQEHGYPTINLGIVGDNPDDLLNA
LNEGISRADVIITSGGVSMGEKDYLKQVLDIDLHAQIHFGRVFMKPGLPTTFATLDIDGVRKIIFALPGNPVSAVVTCNL
FVVPALRKMQGILDPRPTIIKARLSCDVKLDPRPEYHRCILTWHHQEPLPWAQSTGNQMSSRLMSMRSANGLLMLPPKTE
QYVELHKGEVVDVMVIGRL
;
A,B
2 'polypeptide(L)' FSIVGTLYPIN C,D
#
# COMPACT_ATOMS: atom_id res chain seq x y z
N PRO A 3 -34.38 -6.31 -19.69
CA PRO A 3 -34.19 -5.78 -18.32
C PRO A 3 -33.60 -4.37 -18.32
N PHE A 4 -32.28 -4.28 -18.27
CA PHE A 4 -31.59 -2.99 -18.28
C PHE A 4 -30.83 -2.77 -19.58
N PRO A 5 -30.75 -1.51 -20.03
CA PRO A 5 -29.96 -1.16 -21.21
C PRO A 5 -28.46 -1.46 -21.03
N LEU A 6 -27.77 -1.70 -22.13
CA LEU A 6 -26.33 -1.97 -22.09
C LEU A 6 -25.52 -0.70 -21.89
N THR A 7 -24.81 -0.62 -20.77
CA THR A 7 -24.01 0.55 -20.44
C THR A 7 -22.55 0.35 -20.85
N SER A 8 -22.00 1.34 -21.53
CA SER A 8 -20.60 1.29 -21.94
C SER A 8 -19.69 1.34 -20.72
N MET A 9 -18.47 0.83 -20.85
CA MET A 9 -17.54 0.75 -19.72
C MET A 9 -17.19 2.13 -19.16
N ASP A 10 -16.96 3.10 -20.04
CA ASP A 10 -16.63 4.46 -19.61
C ASP A 10 -17.81 5.16 -18.95
N LYS A 11 -18.99 5.05 -19.55
CA LYS A 11 -20.19 5.70 -19.02
C LYS A 11 -20.53 5.16 -17.63
N ALA A 12 -20.31 3.87 -17.43
CA ALA A 12 -20.56 3.22 -16.15
C ALA A 12 -19.65 3.78 -15.06
N PHE A 13 -18.37 3.92 -15.39
CA PHE A 13 -17.38 4.42 -14.45
C PHE A 13 -17.63 5.87 -14.08
N ILE A 14 -17.85 6.70 -15.08
CA ILE A 14 -18.06 8.13 -14.88
C ILE A 14 -19.29 8.37 -14.01
N THR A 15 -20.35 7.61 -14.26
CA THR A 15 -21.58 7.75 -13.48
C THR A 15 -21.36 7.32 -12.03
N VAL A 16 -20.45 6.38 -11.80
CA VAL A 16 -20.13 5.97 -10.45
C VAL A 16 -19.48 7.12 -9.68
N LEU A 17 -18.47 7.73 -10.26
CA LEU A 17 -17.75 8.82 -9.61
C LEU A 17 -18.62 10.08 -9.49
N GLU A 18 -19.44 10.33 -10.50
CA GLU A 18 -20.31 11.51 -10.51
C GLU A 18 -21.42 11.43 -9.47
N MET A 19 -21.94 10.23 -9.25
CA MET A 19 -23.06 10.05 -8.33
C MET A 19 -22.59 9.72 -6.91
N THR A 20 -21.31 9.42 -6.76
CA THR A 20 -20.76 9.10 -5.45
C THR A 20 -20.48 10.38 -4.67
N PRO A 21 -21.07 10.50 -3.48
CA PRO A 21 -20.93 11.70 -2.65
C PRO A 21 -19.57 11.77 -1.95
N VAL A 22 -19.19 12.97 -1.51
CA VAL A 22 -18.01 13.12 -0.66
C VAL A 22 -18.44 13.26 0.79
N LEU A 23 -17.90 12.41 1.65
CA LEU A 23 -18.34 12.34 3.03
C LEU A 23 -18.04 13.61 3.83
N GLY A 24 -18.62 13.69 5.02
CA GLY A 24 -18.41 14.83 5.89
C GLY A 24 -17.03 14.83 6.51
N THR A 25 -16.77 15.79 7.37
CA THR A 25 -15.46 15.93 7.98
C THR A 25 -15.48 15.63 9.47
N GLU A 26 -14.30 15.33 10.01
CA GLU A 26 -14.17 15.11 11.45
C GLU A 26 -12.77 15.49 11.90
N ILE A 27 -12.60 15.73 13.19
CA ILE A 27 -11.28 16.02 13.72
C ILE A 27 -10.67 14.77 14.33
N ILE A 28 -9.45 14.45 13.90
CA ILE A 28 -8.73 13.28 14.35
C ILE A 28 -7.36 13.68 14.88
N ASN A 29 -6.74 12.79 15.66
CA ASN A 29 -5.38 13.02 16.11
C ASN A 29 -4.41 12.81 14.95
N TYR A 30 -3.29 13.53 14.98
CA TYR A 30 -2.33 13.50 13.88
C TYR A 30 -1.71 12.13 13.69
N ARG A 31 -1.65 11.35 14.77
CA ARG A 31 -1.05 10.02 14.73
C ARG A 31 -1.89 9.06 13.90
N ASP A 32 -3.19 9.34 13.83
CA ASP A 32 -4.14 8.49 13.12
C ASP A 32 -4.41 9.04 11.72
N GLY A 33 -3.56 9.97 11.30
CA GLY A 33 -3.75 10.68 10.04
C GLY A 33 -3.33 9.92 8.80
N MET A 34 -2.84 8.70 8.99
CA MET A 34 -2.42 7.87 7.86
C MET A 34 -3.55 7.63 6.87
N GLY A 35 -3.35 8.06 5.63
CA GLY A 35 -4.32 7.80 4.57
C GLY A 35 -5.46 8.80 4.52
N ARG A 36 -5.47 9.74 5.45
CA ARG A 36 -6.53 10.74 5.52
C ARG A 36 -6.31 11.88 4.54
N VAL A 37 -7.39 12.59 4.21
CA VAL A 37 -7.30 13.80 3.41
C VAL A 37 -7.61 15.02 4.25
N LEU A 38 -6.74 16.03 4.20
CA LEU A 38 -6.94 17.24 4.99
C LEU A 38 -8.21 17.98 4.58
N ALA A 39 -8.98 18.39 5.57
CA ALA A 39 -10.20 19.17 5.34
C ALA A 39 -9.97 20.60 5.81
N GLN A 40 -8.70 20.92 6.05
CA GLN A 40 -8.31 22.24 6.51
C GLN A 40 -6.91 22.56 6.03
N ASP A 41 -6.58 23.84 5.96
CA ASP A 41 -5.19 24.23 5.81
C ASP A 41 -4.49 24.05 7.15
N VAL A 42 -3.20 23.76 7.10
CA VAL A 42 -2.43 23.66 8.33
C VAL A 42 -1.37 24.75 8.36
N TYR A 43 -1.44 25.60 9.37
CA TYR A 43 -0.50 26.69 9.52
C TYR A 43 0.44 26.41 10.68
N ALA A 44 1.70 26.79 10.52
CA ALA A 44 2.66 26.69 11.62
C ALA A 44 2.45 27.85 12.57
N LYS A 45 2.51 27.57 13.87
CA LYS A 45 2.34 28.61 14.86
C LYS A 45 3.72 28.98 15.43
N ASP A 46 4.74 28.30 14.94
CA ASP A 46 6.12 28.59 15.33
C ASP A 46 7.03 28.77 14.12
N ASN A 47 8.27 29.20 14.39
CA ASN A 47 9.33 29.16 13.40
C ASN A 47 10.14 27.88 13.48
N LEU A 48 10.67 27.43 12.34
CA LEU A 48 11.64 26.35 12.32
C LEU A 48 12.85 26.73 11.49
N PRO A 49 14.02 26.83 12.13
CA PRO A 49 14.20 26.70 13.58
C PRO A 49 13.75 27.95 14.33
N PRO A 50 13.40 27.81 15.61
CA PRO A 50 12.96 28.97 16.40
C PRO A 50 14.14 29.83 16.86
N PHE A 51 15.33 29.29 16.67
CA PHE A 51 16.56 29.99 17.02
C PHE A 51 17.57 29.82 15.89
N PRO A 52 18.49 30.78 15.74
CA PRO A 52 19.54 30.59 14.74
C PRO A 52 20.42 29.39 15.10
N ALA A 53 20.62 28.47 14.17
CA ALA A 53 21.34 27.23 14.48
C ALA A 53 22.51 26.99 13.53
N SER A 54 23.57 26.40 14.06
CA SER A 54 24.76 26.10 13.27
C SER A 54 24.49 24.95 12.31
N VAL A 55 25.07 25.05 11.12
CA VAL A 55 24.97 23.98 10.13
C VAL A 55 26.17 23.04 10.22
N LYS A 56 27.30 23.57 10.69
CA LYS A 56 28.54 22.80 10.73
C LYS A 56 29.17 22.80 12.13
N ASP A 57 29.97 21.79 12.41
CA ASP A 57 30.74 21.74 13.64
C ASP A 57 31.94 22.66 13.51
N GLY A 58 32.12 23.55 14.47
CA GLY A 58 33.19 24.52 14.42
C GLY A 58 33.08 25.58 15.48
N TYR A 59 33.09 26.84 15.06
CA TYR A 59 33.01 27.96 15.99
C TYR A 59 32.10 29.06 15.47
N ALA A 60 31.29 29.62 16.36
CA ALA A 60 30.45 30.76 16.02
C ALA A 60 31.28 32.03 16.16
N VAL A 61 31.39 32.79 15.07
CA VAL A 61 32.28 33.95 15.05
C VAL A 61 31.54 35.23 14.73
N ARG A 62 32.11 36.34 15.16
CA ARG A 62 31.68 37.66 14.71
C ARG A 62 32.34 37.89 13.36
N ALA A 63 31.54 37.99 12.31
CA ALA A 63 32.07 38.07 10.95
C ALA A 63 32.98 39.27 10.76
N ALA A 64 32.63 40.38 11.41
CA ALA A 64 33.41 41.61 11.29
C ALA A 64 34.81 41.47 11.88
N ASP A 65 35.00 40.48 12.76
CA ASP A 65 36.31 40.20 13.33
C ASP A 65 37.24 39.67 12.25
N GLY A 66 36.67 38.95 11.29
CA GLY A 66 37.45 38.34 10.24
C GLY A 66 38.33 37.23 10.77
N PRO A 67 39.35 36.85 9.99
CA PRO A 67 40.31 35.82 10.41
C PRO A 67 41.28 36.33 11.46
N GLY A 68 41.81 35.43 12.27
CA GLY A 68 42.76 35.78 13.32
C GLY A 68 42.68 34.85 14.51
N ASP A 69 43.31 35.23 15.61
CA ASP A 69 43.30 34.43 16.82
C ASP A 69 42.25 34.94 17.79
N ARG A 70 41.38 34.04 18.25
CA ARG A 70 40.30 34.42 19.16
C ARG A 70 40.21 33.53 20.39
N PHE A 71 39.78 34.13 21.50
CA PHE A 71 39.55 33.41 22.76
C PHE A 71 38.18 32.76 22.79
N ILE A 72 38.15 31.47 23.10
CA ILE A 72 36.92 30.71 23.15
C ILE A 72 36.23 30.86 24.50
N ILE A 73 35.06 31.49 24.51
CA ILE A 73 34.40 31.84 25.77
C ILE A 73 33.51 30.72 26.30
N GLY A 74 33.23 29.73 25.48
CA GLY A 74 32.40 28.61 25.91
C GLY A 74 31.88 27.80 24.75
N GLU A 75 30.98 26.86 25.03
CA GLU A 75 30.44 25.99 23.99
C GLU A 75 28.92 25.99 23.99
N SER A 76 28.34 26.10 22.81
CA SER A 76 26.89 26.07 22.65
C SER A 76 26.42 24.65 22.44
N GLN A 77 25.61 24.16 23.37
CA GLN A 77 25.13 22.78 23.32
C GLN A 77 23.68 22.74 22.85
N ALA A 78 23.37 21.80 21.98
CA ALA A 78 22.01 21.64 21.46
C ALA A 78 21.01 21.42 22.60
N GLY A 79 19.90 22.13 22.55
CA GLY A 79 18.84 21.95 23.52
C GLY A 79 18.87 22.94 24.66
N GLU A 80 19.88 23.80 24.66
CA GLU A 80 19.99 24.84 25.68
C GLU A 80 20.33 26.18 25.04
N GLN A 81 19.47 27.17 25.28
CA GLN A 81 19.69 28.50 24.74
C GLN A 81 20.86 29.16 25.44
N PRO A 82 21.91 29.51 24.67
CA PRO A 82 23.16 30.03 25.22
C PRO A 82 22.94 31.35 25.95
N THR A 83 23.73 31.61 26.98
CA THR A 83 23.53 32.77 27.83
C THR A 83 24.62 33.81 27.64
N GLN A 84 25.74 33.38 27.08
CA GLN A 84 26.89 34.27 26.91
C GLN A 84 26.79 35.11 25.65
N THR A 85 27.37 36.31 25.69
CA THR A 85 27.40 37.18 24.53
C THR A 85 28.82 37.28 24.00
N VAL A 86 28.98 36.96 22.72
CA VAL A 86 30.30 37.03 22.10
C VAL A 86 30.70 38.46 21.78
N MET A 87 31.78 38.92 22.41
CA MET A 87 32.29 40.26 22.17
C MET A 87 33.38 40.15 21.09
N PRO A 88 33.70 41.27 20.42
CA PRO A 88 34.72 41.26 19.37
C PRO A 88 36.07 40.69 19.81
N GLY A 89 36.60 39.78 19.00
CA GLY A 89 37.85 39.09 19.31
C GLY A 89 37.62 37.78 20.02
N GLN A 90 36.36 37.45 20.24
CA GLN A 90 35.97 36.19 20.87
C GLN A 90 35.14 35.32 19.93
N VAL A 91 35.09 34.03 20.24
CA VAL A 91 34.29 33.07 19.47
C VAL A 91 33.65 32.08 20.42
N MET A 92 32.63 31.37 19.95
CA MET A 92 32.00 30.33 20.75
C MET A 92 31.92 29.03 19.97
N ARG A 93 32.36 27.95 20.63
CA ARG A 93 32.35 26.62 20.05
C ARG A 93 30.92 26.16 19.80
N VAL A 94 30.65 25.66 18.60
CA VAL A 94 29.32 25.18 18.27
C VAL A 94 29.34 23.82 17.58
N THR A 95 28.30 23.04 17.84
CA THR A 95 28.11 21.77 17.16
C THR A 95 26.89 21.91 16.25
N THR A 96 26.67 20.92 15.38
CA THR A 96 25.54 20.98 14.46
C THR A 96 24.21 20.98 15.21
N GLY A 97 23.38 21.97 14.91
CA GLY A 97 22.07 22.07 15.55
C GLY A 97 22.05 22.95 16.78
N ALA A 98 23.22 23.40 17.20
CA ALA A 98 23.35 24.22 18.40
C ALA A 98 22.96 25.65 18.10
N PRO A 99 22.36 26.34 19.08
CA PRO A 99 21.98 27.74 18.88
C PRO A 99 23.17 28.68 18.82
N ILE A 100 23.09 29.72 18.00
CA ILE A 100 24.13 30.73 17.91
C ILE A 100 23.98 31.78 19.01
N PRO A 101 25.08 32.09 19.71
CA PRO A 101 25.10 33.09 20.80
C PRO A 101 24.80 34.50 20.29
N CYS A 102 24.61 35.43 21.22
CA CYS A 102 24.17 36.79 20.90
C CYS A 102 25.18 37.56 20.05
N GLY A 103 26.47 37.30 20.27
CA GLY A 103 27.52 38.02 19.59
C GLY A 103 27.75 37.67 18.14
N ALA A 104 27.79 36.37 17.84
CA ALA A 104 28.20 35.89 16.53
C ALA A 104 27.13 36.14 15.46
N ASP A 105 27.56 36.20 14.21
CA ASP A 105 26.64 36.35 13.09
C ASP A 105 27.01 35.42 11.94
N ALA A 106 27.93 34.50 12.21
CA ALA A 106 28.42 33.56 11.20
C ALA A 106 29.15 32.41 11.88
N VAL A 107 29.23 31.27 11.19
CA VAL A 107 29.94 30.12 11.73
C VAL A 107 31.07 29.68 10.81
N VAL A 108 32.24 29.46 11.41
CA VAL A 108 33.37 28.91 10.69
C VAL A 108 33.54 27.45 11.10
N GLN A 109 33.57 26.56 10.11
CA GLN A 109 33.68 25.14 10.39
C GLN A 109 35.05 24.82 10.97
N VAL A 110 35.12 23.74 11.75
CA VAL A 110 36.34 23.38 12.45
C VAL A 110 37.44 22.98 11.47
N GLU A 111 37.04 22.55 10.27
CA GLU A 111 37.99 22.18 9.23
C GLU A 111 38.78 23.40 8.77
N ASP A 112 38.22 24.58 9.00
CA ASP A 112 38.84 25.83 8.59
C ASP A 112 39.48 26.57 9.76
N THR A 113 39.86 25.84 10.80
CA THR A 113 40.49 26.47 11.95
C THR A 113 41.66 25.65 12.48
N GLU A 114 42.50 26.29 13.27
CA GLU A 114 43.60 25.60 13.95
C GLU A 114 43.63 25.99 15.43
N LEU A 115 43.73 25.00 16.30
CA LEU A 115 43.79 25.25 17.74
C LEU A 115 45.14 25.84 18.08
N ILE A 116 45.13 26.94 18.83
CA ILE A 116 46.36 27.66 19.12
C ILE A 116 46.88 27.35 20.51
N ARG A 117 46.03 27.54 21.50
CA ARG A 117 46.40 27.29 22.88
C ARG A 117 45.26 26.57 23.61
N GLU A 118 45.62 25.78 24.61
CA GLU A 118 44.62 25.10 25.43
C GLU A 118 44.78 25.61 26.85
N SER A 119 43.72 25.47 27.64
CA SER A 119 43.74 25.94 29.02
C SER A 119 44.89 25.31 29.79
N ASP A 120 45.43 26.04 30.77
CA ASP A 120 46.60 25.60 31.50
C ASP A 120 46.36 24.22 32.11
N ASP A 121 45.10 23.97 32.48
CA ASP A 121 44.58 22.62 32.65
C ASP A 121 43.07 22.64 32.79
N GLY A 122 42.48 21.46 32.70
CA GLY A 122 41.04 21.32 32.57
C GLY A 122 40.79 20.73 31.20
N THR A 123 41.87 20.71 30.40
CA THR A 123 41.85 20.21 29.03
C THR A 123 40.64 20.77 28.27
N GLU A 124 40.66 22.08 28.11
CA GLU A 124 39.65 22.77 27.31
C GLU A 124 40.38 23.62 26.28
N GLU A 125 39.78 23.81 25.11
CA GLU A 125 40.34 24.72 24.12
C GLU A 125 40.29 26.14 24.66
N LEU A 126 41.35 26.90 24.44
CA LEU A 126 41.46 28.23 25.03
C LEU A 126 41.51 29.30 23.94
N GLU A 127 42.19 28.99 22.83
CA GLU A 127 42.39 29.96 21.77
C GLU A 127 42.49 29.27 20.42
N VAL A 128 41.80 29.81 19.43
CA VAL A 128 41.83 29.22 18.09
C VAL A 128 42.07 30.28 17.04
N ARG A 129 42.69 29.86 15.94
CA ARG A 129 42.94 30.76 14.83
C ARG A 129 41.95 30.50 13.72
N ILE A 130 41.12 31.50 13.44
CA ILE A 130 40.14 31.40 12.37
C ILE A 130 40.86 31.74 11.07
N LEU A 131 40.91 30.79 10.15
CA LEU A 131 41.74 30.94 8.96
C LEU A 131 40.99 31.54 7.77
N VAL A 132 39.66 31.61 7.85
CA VAL A 132 38.88 32.12 6.74
C VAL A 132 38.02 33.30 7.13
N GLN A 133 37.78 34.18 6.16
CA GLN A 133 36.91 35.33 6.35
C GLN A 133 35.46 34.93 6.10
N ALA A 134 34.70 34.81 7.18
CA ALA A 134 33.31 34.40 7.07
C ALA A 134 32.45 35.52 6.46
N ARG A 135 31.46 35.11 5.68
CA ARG A 135 30.44 36.05 5.21
C ARG A 135 29.40 36.14 6.31
N PRO A 136 28.74 37.31 6.46
CA PRO A 136 27.70 37.40 7.48
C PRO A 136 26.55 36.43 7.20
N GLY A 137 26.22 35.61 8.19
CA GLY A 137 25.13 34.65 8.06
C GLY A 137 25.57 33.29 7.53
N GLN A 138 26.87 33.14 7.31
CA GLN A 138 27.44 31.91 6.76
C GLN A 138 27.34 30.73 7.73
N ASP A 139 26.88 29.59 7.22
CA ASP A 139 26.70 28.36 8.00
C ASP A 139 25.76 28.52 9.19
N ILE A 140 24.71 29.31 9.01
CA ILE A 140 23.67 29.46 10.03
C ILE A 140 22.28 29.29 9.44
N ARG A 141 21.46 28.46 10.07
CA ARG A 141 20.05 28.36 9.72
C ARG A 141 19.28 29.38 10.53
N PRO A 142 18.91 30.51 9.91
CA PRO A 142 18.28 31.61 10.65
C PRO A 142 16.89 31.25 11.15
N ILE A 143 16.35 32.07 12.06
CA ILE A 143 15.05 31.79 12.64
C ILE A 143 13.97 31.73 11.56
N GLY A 144 13.32 30.58 11.44
CA GLY A 144 12.26 30.40 10.47
C GLY A 144 12.78 30.13 9.07
N HIS A 145 14.01 29.63 8.99
CA HIS A 145 14.63 29.34 7.70
C HIS A 145 13.86 28.28 6.94
N ASP A 146 13.38 27.27 7.66
CA ASP A 146 12.68 26.15 7.06
C ASP A 146 11.17 26.39 7.06
N ILE A 147 10.65 26.81 8.21
CA ILE A 147 9.24 27.17 8.32
C ILE A 147 9.08 28.46 9.13
N LYS A 148 8.36 29.43 8.58
CA LYS A 148 8.06 30.66 9.32
C LYS A 148 6.68 30.57 9.94
N ARG A 149 6.49 31.26 11.07
CA ARG A 149 5.19 31.30 11.72
C ARG A 149 4.19 31.97 10.78
N GLY A 150 3.00 31.38 10.69
CA GLY A 150 1.95 31.92 9.83
C GLY A 150 2.00 31.35 8.43
N GLU A 151 3.07 30.60 8.13
CA GLU A 151 3.19 29.92 6.84
C GLU A 151 2.26 28.71 6.76
N CYS A 152 1.63 28.52 5.62
CA CYS A 152 0.85 27.31 5.37
C CYS A 152 1.78 26.16 5.00
N VAL A 153 1.80 25.13 5.83
CA VAL A 153 2.70 24.00 5.59
C VAL A 153 2.00 22.85 4.86
N LEU A 154 0.69 22.79 4.98
CA LEU A 154 -0.10 21.76 4.30
C LEU A 154 -1.42 22.33 3.81
N ALA A 155 -1.76 22.01 2.56
CA ALA A 155 -2.97 22.54 1.93
C ALA A 155 -4.17 21.66 2.23
N LYS A 156 -5.36 22.25 2.18
CA LYS A 156 -6.59 21.46 2.22
C LYS A 156 -6.64 20.55 1.00
N GLY A 157 -6.91 19.27 1.22
CA GLY A 157 -6.97 18.32 0.13
C GLY A 157 -5.74 17.43 0.06
N THR A 158 -4.76 17.72 0.91
CA THR A 158 -3.53 16.94 0.93
C THR A 158 -3.80 15.51 1.39
N HIS A 159 -3.39 14.54 0.58
CA HIS A 159 -3.51 13.14 0.93
C HIS A 159 -2.30 12.75 1.77
N MET A 160 -2.52 12.60 3.07
CA MET A 160 -1.41 12.52 4.01
C MET A 160 -0.74 11.16 4.09
N GLY A 161 0.58 11.17 4.03
CA GLY A 161 1.39 10.00 4.28
C GLY A 161 2.28 10.26 5.49
N PRO A 162 3.24 9.36 5.75
CA PRO A 162 4.11 9.43 6.92
C PRO A 162 4.89 10.75 6.99
N SER A 163 5.32 11.26 5.84
CA SER A 163 6.09 12.49 5.78
C SER A 163 5.25 13.68 6.24
N GLU A 164 3.96 13.69 5.88
CA GLU A 164 3.07 14.77 6.27
C GLU A 164 2.75 14.71 7.77
N ILE A 165 2.58 13.50 8.29
CA ILE A 165 2.28 13.29 9.70
C ILE A 165 3.41 13.82 10.59
N GLY A 166 4.64 13.57 10.18
CA GLY A 166 5.79 14.10 10.89
C GLY A 166 5.80 15.61 10.83
N LEU A 167 5.37 16.15 9.70
CA LEU A 167 5.29 17.60 9.52
C LEU A 167 4.27 18.22 10.47
N LEU A 168 3.14 17.53 10.66
CA LEU A 168 2.16 17.96 11.64
C LEU A 168 2.78 17.98 13.03
N ALA A 169 3.54 16.95 13.34
CA ALA A 169 4.24 16.85 14.61
C ALA A 169 5.24 17.99 14.77
N THR A 170 5.87 18.36 13.67
CA THR A 170 6.83 19.46 13.64
C THR A 170 6.19 20.78 14.06
N VAL A 171 5.13 21.16 13.36
CA VAL A 171 4.50 22.47 13.56
C VAL A 171 3.62 22.50 14.82
N GLY A 172 3.46 21.34 15.45
CA GLY A 172 2.70 21.22 16.68
C GLY A 172 1.20 21.16 16.52
N VAL A 173 0.74 20.75 15.35
CA VAL A 173 -0.68 20.58 15.10
C VAL A 173 -1.06 19.12 15.28
N THR A 174 -1.49 18.77 16.49
CA THR A 174 -1.73 17.37 16.83
C THR A 174 -3.17 16.93 16.62
N GLU A 175 -4.09 17.89 16.52
CA GLU A 175 -5.48 17.60 16.18
C GLU A 175 -5.79 18.26 14.85
N VAL A 176 -6.32 17.50 13.91
CA VAL A 176 -6.53 18.03 12.57
C VAL A 176 -7.84 17.54 11.94
N GLU A 177 -8.51 18.44 11.23
CA GLU A 177 -9.79 18.13 10.60
C GLU A 177 -9.59 17.49 9.23
N VAL A 178 -10.19 16.31 9.07
CA VAL A 178 -10.06 15.54 7.84
C VAL A 178 -11.41 15.01 7.38
N ASN A 179 -11.48 14.55 6.14
CA ASN A 179 -12.69 13.87 5.65
C ASN A 179 -12.86 12.50 6.29
N LYS A 180 -14.10 12.18 6.66
CA LYS A 180 -14.40 10.89 7.26
C LYS A 180 -14.09 9.74 6.30
N PHE A 181 -13.79 8.56 6.86
CA PHE A 181 -13.66 7.36 6.05
C PHE A 181 -15.01 6.71 5.85
N PRO A 182 -15.22 6.09 4.68
CA PRO A 182 -16.47 5.38 4.44
C PRO A 182 -16.53 4.06 5.20
N VAL A 183 -17.66 3.80 5.85
CA VAL A 183 -17.89 2.50 6.44
C VAL A 183 -18.62 1.66 5.41
N VAL A 184 -18.06 0.49 5.08
CA VAL A 184 -18.59 -0.30 3.99
C VAL A 184 -19.20 -1.61 4.47
N ALA A 185 -20.48 -1.82 4.15
CA ALA A 185 -21.17 -3.05 4.51
C ALA A 185 -21.16 -4.04 3.34
N VAL A 186 -20.76 -5.27 3.63
CA VAL A 186 -20.65 -6.29 2.60
C VAL A 186 -21.47 -7.53 2.95
N MET A 187 -22.25 -8.00 1.98
CA MET A 187 -23.05 -9.21 2.17
C MET A 187 -23.06 -10.06 0.91
N SER A 188 -23.39 -11.35 1.07
CA SER A 188 -23.52 -12.24 -0.07
C SER A 188 -24.90 -12.87 -0.10
N THR A 189 -25.46 -13.04 -1.28
CA THR A 189 -26.79 -13.62 -1.43
C THR A 189 -26.72 -14.89 -2.26
N GLY A 190 -27.57 -15.86 -1.91
CA GLY A 190 -27.59 -17.14 -2.60
C GLY A 190 -27.91 -18.28 -1.64
N ASN A 191 -28.75 -19.20 -2.09
CA ASN A 191 -29.18 -20.32 -1.26
C ASN A 191 -28.12 -21.40 -1.13
N GLU A 192 -27.08 -21.31 -1.94
CA GLU A 192 -26.01 -22.31 -1.92
C GLU A 192 -24.85 -21.93 -1.02
N LEU A 193 -24.85 -20.70 -0.53
CA LEU A 193 -23.71 -20.19 0.23
C LEU A 193 -23.73 -20.60 1.70
N LEU A 194 -22.61 -21.19 2.13
CA LEU A 194 -22.37 -21.45 3.55
C LEU A 194 -21.16 -20.66 3.99
N ASN A 195 -21.05 -20.43 5.29
CA ASN A 195 -19.89 -19.73 5.84
C ASN A 195 -18.63 -20.56 5.69
N PRO A 196 -17.48 -19.89 5.49
CA PRO A 196 -16.19 -20.56 5.36
C PRO A 196 -15.90 -21.47 6.55
N GLU A 197 -16.35 -21.06 7.73
CA GLU A 197 -16.13 -21.80 8.97
C GLU A 197 -16.91 -23.12 8.99
N ASP A 198 -17.86 -23.26 8.08
CA ASP A 198 -18.74 -24.43 8.05
C ASP A 198 -18.20 -25.56 7.16
N ASP A 199 -18.55 -26.79 7.50
CA ASP A 199 -18.32 -27.92 6.62
C ASP A 199 -19.39 -27.96 5.52
N LEU A 200 -19.05 -28.52 4.37
CA LEU A 200 -19.96 -28.53 3.23
C LEU A 200 -21.17 -29.44 3.42
N LEU A 201 -22.26 -29.05 2.77
CA LEU A 201 -23.49 -29.84 2.72
C LEU A 201 -23.89 -30.00 1.26
N PRO A 202 -24.71 -31.04 0.95
CA PRO A 202 -25.08 -31.30 -0.45
C PRO A 202 -25.67 -30.09 -1.17
N GLY A 203 -25.08 -29.74 -2.31
CA GLY A 203 -25.57 -28.65 -3.13
C GLY A 203 -25.06 -27.28 -2.68
N LYS A 204 -24.19 -27.28 -1.69
CA LYS A 204 -23.67 -26.03 -1.14
C LYS A 204 -22.18 -25.83 -1.35
N ILE A 205 -21.76 -24.58 -1.37
CA ILE A 205 -20.35 -24.21 -1.45
C ILE A 205 -20.07 -23.10 -0.43
N ARG A 206 -18.80 -22.75 -0.24
CA ARG A 206 -18.45 -21.74 0.75
C ARG A 206 -18.39 -20.34 0.17
N ASP A 207 -18.74 -19.36 1.01
CA ASP A 207 -18.78 -17.96 0.61
C ASP A 207 -17.39 -17.34 0.64
N SER A 208 -16.85 -17.07 -0.54
CA SER A 208 -15.51 -16.50 -0.66
C SER A 208 -15.56 -15.03 -1.09
N ASN A 209 -16.66 -14.65 -1.76
CA ASN A 209 -16.85 -13.28 -2.19
C ASN A 209 -16.78 -12.29 -1.02
N ARG A 210 -17.48 -12.62 0.06
CA ARG A 210 -17.54 -11.76 1.23
C ARG A 210 -16.16 -11.55 1.84
N SER A 211 -15.43 -12.65 2.02
CA SER A 211 -14.10 -12.59 2.63
C SER A 211 -13.13 -11.77 1.79
N THR A 212 -13.14 -12.01 0.48
CA THR A 212 -12.28 -11.29 -0.46
C THR A 212 -12.58 -9.80 -0.51
N LEU A 213 -13.87 -9.47 -0.62
CA LEU A 213 -14.30 -8.08 -0.72
C LEU A 213 -13.97 -7.28 0.53
N LEU A 214 -14.23 -7.85 1.70
CA LEU A 214 -13.90 -7.19 2.96
C LEU A 214 -12.40 -6.97 3.06
N ALA A 215 -11.64 -7.98 2.67
CA ALA A 215 -10.18 -7.92 2.70
C ALA A 215 -9.64 -6.86 1.76
N THR A 216 -10.27 -6.73 0.59
CA THR A 216 -9.87 -5.74 -0.40
C THR A 216 -10.07 -4.32 0.13
N ILE A 217 -11.23 -4.09 0.76
CA ILE A 217 -11.57 -2.79 1.30
C ILE A 217 -10.71 -2.46 2.53
N GLN A 218 -10.41 -3.47 3.34
CA GLN A 218 -9.55 -3.28 4.50
C GLN A 218 -8.13 -2.90 4.09
N GLU A 219 -7.68 -3.44 2.96
CA GLU A 219 -6.34 -3.14 2.44
C GLU A 219 -6.18 -1.65 2.21
N HIS A 220 -7.30 -0.97 1.93
CA HIS A 220 -7.28 0.46 1.68
C HIS A 220 -7.50 1.24 2.98
N GLY A 221 -7.65 0.53 4.08
CA GLY A 221 -7.71 1.14 5.39
C GLY A 221 -9.07 1.62 5.83
N TYR A 222 -10.10 1.16 5.13
CA TYR A 222 -11.47 1.56 5.45
C TYR A 222 -12.12 0.62 6.44
N PRO A 223 -12.99 1.17 7.31
CA PRO A 223 -13.77 0.35 8.26
C PRO A 223 -14.87 -0.43 7.53
N THR A 224 -15.06 -1.68 7.92
CA THR A 224 -16.03 -2.53 7.24
C THR A 224 -17.06 -3.13 8.20
N ILE A 225 -18.20 -3.54 7.64
CA ILE A 225 -19.24 -4.22 8.41
C ILE A 225 -19.65 -5.51 7.71
N ASN A 226 -19.56 -6.62 8.44
CA ASN A 226 -19.91 -7.92 7.90
C ASN A 226 -21.38 -8.23 8.12
N LEU A 227 -22.17 -8.16 7.05
CA LEU A 227 -23.60 -8.42 7.13
C LEU A 227 -23.92 -9.90 6.95
N GLY A 228 -22.89 -10.71 6.73
CA GLY A 228 -23.05 -12.14 6.62
C GLY A 228 -23.80 -12.57 5.37
N ILE A 229 -24.27 -13.82 5.38
CA ILE A 229 -24.96 -14.39 4.23
C ILE A 229 -26.47 -14.21 4.32
N VAL A 230 -27.06 -13.70 3.24
CA VAL A 230 -28.49 -13.46 3.18
C VAL A 230 -29.17 -14.44 2.24
N GLY A 231 -30.31 -14.99 2.66
CA GLY A 231 -31.08 -15.87 1.81
C GLY A 231 -31.57 -15.12 0.58
N ASP A 232 -31.75 -15.83 -0.52
CA ASP A 232 -32.18 -15.20 -1.76
C ASP A 232 -33.69 -15.02 -1.76
N ASN A 233 -34.17 -14.17 -0.86
CA ASN A 233 -35.59 -13.85 -0.75
C ASN A 233 -35.74 -12.39 -0.31
N PRO A 234 -36.78 -11.70 -0.79
CA PRO A 234 -36.99 -10.26 -0.55
C PRO A 234 -36.95 -9.84 0.92
N ASP A 235 -37.57 -10.63 1.80
CA ASP A 235 -37.65 -10.28 3.22
C ASP A 235 -36.30 -10.17 3.93
N ASP A 236 -35.53 -11.26 3.94
CA ASP A 236 -34.22 -11.25 4.58
C ASP A 236 -33.29 -10.27 3.89
N LEU A 237 -33.49 -10.14 2.57
CA LEU A 237 -32.70 -9.23 1.75
C LEU A 237 -32.97 -7.77 2.11
N LEU A 238 -34.24 -7.42 2.24
CA LEU A 238 -34.62 -6.05 2.62
C LEU A 238 -34.12 -5.70 4.02
N ASN A 239 -34.27 -6.63 4.95
CA ASN A 239 -33.80 -6.43 6.32
C ASN A 239 -32.30 -6.18 6.35
N ALA A 240 -31.58 -6.93 5.53
CA ALA A 240 -30.13 -6.79 5.43
C ALA A 240 -29.74 -5.41 4.90
N LEU A 241 -30.45 -4.95 3.88
CA LEU A 241 -30.21 -3.63 3.32
C LEU A 241 -30.50 -2.52 4.33
N ASN A 242 -31.61 -2.68 5.06
CA ASN A 242 -31.96 -1.72 6.11
C ASN A 242 -30.93 -1.62 7.21
N GLU A 243 -30.32 -2.75 7.54
CA GLU A 243 -29.24 -2.78 8.53
C GLU A 243 -27.98 -2.11 7.98
N GLY A 244 -27.67 -2.39 6.72
CA GLY A 244 -26.51 -1.79 6.08
C GLY A 244 -26.61 -0.29 5.98
N ILE A 245 -27.81 0.21 5.68
CA ILE A 245 -28.03 1.65 5.53
C ILE A 245 -27.86 2.39 6.86
N SER A 246 -28.42 1.84 7.93
CA SER A 246 -28.35 2.48 9.23
C SER A 246 -26.95 2.38 9.84
N ARG A 247 -26.15 1.44 9.36
CA ARG A 247 -24.83 1.20 9.92
C ARG A 247 -23.65 1.65 9.03
N ALA A 248 -23.88 1.79 7.72
CA ALA A 248 -22.77 2.04 6.81
C ALA A 248 -23.08 3.12 5.77
N ASP A 249 -22.03 3.62 5.12
CA ASP A 249 -22.16 4.62 4.07
C ASP A 249 -22.23 3.96 2.70
N VAL A 250 -21.65 2.77 2.60
CA VAL A 250 -21.64 2.00 1.34
C VAL A 250 -22.13 0.59 1.59
N ILE A 251 -22.97 0.08 0.69
CA ILE A 251 -23.42 -1.30 0.79
C ILE A 251 -23.04 -2.10 -0.45
N ILE A 252 -22.33 -3.20 -0.25
CA ILE A 252 -21.90 -4.05 -1.34
C ILE A 252 -22.48 -5.45 -1.22
N THR A 253 -23.14 -5.92 -2.27
CA THR A 253 -23.68 -7.26 -2.30
C THR A 253 -23.23 -8.00 -3.55
N SER A 254 -23.19 -9.33 -3.48
CA SER A 254 -22.79 -10.13 -4.63
C SER A 254 -23.69 -11.35 -4.81
N GLY A 255 -24.03 -11.65 -6.06
CA GLY A 255 -24.84 -12.81 -6.38
C GLY A 255 -26.30 -12.48 -6.54
N GLY A 256 -27.13 -13.51 -6.69
CA GLY A 256 -28.57 -13.35 -6.74
C GLY A 256 -29.10 -12.96 -8.12
N VAL A 257 -28.39 -13.39 -9.16
CA VAL A 257 -28.72 -13.12 -10.57
C VAL A 257 -29.39 -11.76 -10.81
N LYS A 262 -38.37 -12.79 -11.00
CA LYS A 262 -37.02 -13.08 -10.52
C LYS A 262 -36.20 -11.80 -10.37
N ASP A 263 -34.89 -11.95 -10.20
CA ASP A 263 -33.99 -10.84 -9.89
C ASP A 263 -34.52 -10.04 -8.70
N TYR A 264 -34.60 -10.72 -7.55
CA TYR A 264 -35.21 -10.18 -6.34
C TYR A 264 -34.55 -8.90 -5.84
N LEU A 265 -33.23 -8.77 -6.03
CA LEU A 265 -32.49 -7.62 -5.53
C LEU A 265 -32.91 -6.32 -6.22
N LYS A 266 -32.94 -6.34 -7.54
CA LYS A 266 -33.27 -5.16 -8.34
C LYS A 266 -34.71 -4.72 -8.04
N GLN A 267 -35.56 -5.69 -7.72
CA GLN A 267 -36.94 -5.41 -7.35
C GLN A 267 -37.05 -4.64 -6.02
N VAL A 268 -36.29 -5.09 -5.03
CA VAL A 268 -36.33 -4.49 -3.70
C VAL A 268 -35.87 -3.04 -3.69
N LEU A 269 -34.77 -2.78 -4.39
CA LEU A 269 -34.19 -1.44 -4.45
C LEU A 269 -35.13 -0.43 -5.11
N ASP A 270 -35.85 -0.87 -6.14
CA ASP A 270 -36.71 0.00 -6.93
C ASP A 270 -38.05 0.30 -6.23
N ILE A 271 -38.74 -0.73 -5.78
CA ILE A 271 -40.10 -0.56 -5.27
C ILE A 271 -40.13 -0.25 -3.77
N ASP A 272 -39.27 -0.91 -3.01
CA ASP A 272 -39.32 -0.81 -1.56
C ASP A 272 -38.50 0.35 -1.02
N LEU A 273 -37.27 0.49 -1.50
CA LEU A 273 -36.39 1.55 -1.02
C LEU A 273 -36.50 2.85 -1.81
N HIS A 274 -37.16 2.78 -2.97
CA HIS A 274 -37.30 3.92 -3.86
C HIS A 274 -35.95 4.47 -4.29
N ALA A 275 -34.98 3.57 -4.48
CA ALA A 275 -33.63 3.96 -4.84
C ALA A 275 -33.50 4.18 -6.34
N GLN A 276 -32.41 4.83 -6.75
CA GLN A 276 -32.15 5.08 -8.17
C GLN A 276 -31.08 4.13 -8.70
N ILE A 277 -31.51 3.18 -9.53
CA ILE A 277 -30.58 2.26 -10.16
C ILE A 277 -30.07 2.88 -11.45
N HIS A 278 -28.77 3.20 -11.49
CA HIS A 278 -28.21 3.94 -12.59
C HIS A 278 -27.86 3.05 -13.78
N PHE A 279 -27.34 1.86 -13.48
CA PHE A 279 -27.18 0.84 -14.52
C PHE A 279 -27.24 -0.56 -13.91
N GLY A 280 -27.65 -1.53 -14.72
CA GLY A 280 -27.80 -2.89 -14.24
C GLY A 280 -26.97 -3.87 -15.04
N ARG A 281 -26.48 -3.40 -16.19
CA ARG A 281 -25.58 -4.19 -17.01
C ARG A 281 -24.50 -3.30 -17.63
N VAL A 282 -23.28 -3.81 -17.68
CA VAL A 282 -22.17 -3.07 -18.24
C VAL A 282 -21.39 -3.93 -19.23
N PHE A 283 -21.14 -3.37 -20.41
CA PHE A 283 -20.47 -4.13 -21.47
C PHE A 283 -19.01 -4.37 -21.13
N MET A 284 -18.77 -5.42 -20.34
CA MET A 284 -17.42 -5.75 -19.88
C MET A 284 -17.28 -7.24 -19.59
N LYS A 285 -16.04 -7.68 -19.47
CA LYS A 285 -15.73 -9.07 -19.14
C LYS A 285 -14.51 -9.13 -18.21
N PRO A 286 -14.69 -9.62 -16.97
CA PRO A 286 -15.95 -10.06 -16.37
C PRO A 286 -16.74 -8.90 -15.79
N GLY A 287 -17.95 -9.16 -15.30
CA GLY A 287 -18.69 -8.13 -14.60
C GLY A 287 -19.96 -7.65 -15.27
N LEU A 288 -20.42 -8.38 -16.29
CA LEU A 288 -21.62 -8.00 -17.04
C LEU A 288 -22.83 -7.64 -16.17
N PRO A 289 -23.18 -8.47 -15.17
CA PRO A 289 -24.39 -8.10 -14.41
C PRO A 289 -24.14 -7.12 -13.26
N THR A 290 -23.07 -6.34 -13.33
CA THR A 290 -22.78 -5.34 -12.29
C THR A 290 -23.85 -4.26 -12.22
N THR A 291 -24.40 -4.04 -11.03
CA THR A 291 -25.44 -3.03 -10.83
C THR A 291 -25.05 -2.02 -9.76
N PHE A 292 -25.31 -0.75 -10.06
CA PHE A 292 -24.96 0.35 -9.15
C PHE A 292 -26.17 1.25 -8.89
N ALA A 293 -26.45 1.51 -7.62
CA ALA A 293 -27.60 2.33 -7.25
C ALA A 293 -27.29 3.29 -6.10
N THR A 294 -28.02 4.40 -6.07
CA THR A 294 -27.89 5.40 -5.01
C THR A 294 -29.21 5.59 -4.27
N LEU A 295 -29.12 5.95 -2.99
CA LEU A 295 -30.31 6.16 -2.18
C LEU A 295 -30.12 7.34 -1.24
N ASP A 296 -31.03 8.31 -1.32
CA ASP A 296 -30.93 9.53 -0.53
C ASP A 296 -31.86 9.52 0.68
N ILE A 297 -31.27 9.50 1.87
CA ILE A 297 -32.03 9.53 3.12
C ILE A 297 -31.53 10.63 4.06
N ASP A 298 -32.42 11.57 4.37
CA ASP A 298 -32.10 12.67 5.30
C ASP A 298 -30.88 13.46 4.87
N GLY A 299 -30.89 13.95 3.63
CA GLY A 299 -29.81 14.75 3.09
C GLY A 299 -28.49 14.01 2.98
N VAL A 300 -28.53 12.70 3.17
CA VAL A 300 -27.35 11.86 3.07
C VAL A 300 -27.49 10.87 1.93
N ARG A 301 -26.47 10.78 1.08
CA ARG A 301 -26.51 9.83 -0.03
C ARG A 301 -25.74 8.54 0.27
N LYS A 302 -26.47 7.43 0.24
CA LYS A 302 -25.86 6.11 0.35
C LYS A 302 -25.69 5.53 -1.05
N ILE A 303 -24.62 4.78 -1.26
CA ILE A 303 -24.44 4.10 -2.55
C ILE A 303 -24.42 2.60 -2.36
N ILE A 304 -24.93 1.88 -3.36
CA ILE A 304 -25.07 0.43 -3.27
C ILE A 304 -24.45 -0.25 -4.49
N PHE A 305 -23.63 -1.27 -4.23
CA PHE A 305 -23.01 -2.04 -5.31
C PHE A 305 -23.53 -3.48 -5.35
N ALA A 306 -24.11 -3.85 -6.47
CA ALA A 306 -24.53 -5.24 -6.70
C ALA A 306 -23.57 -5.90 -7.67
N LEU A 307 -22.60 -6.64 -7.13
CA LEU A 307 -21.56 -7.26 -7.93
C LEU A 307 -21.94 -8.68 -8.32
N PRO A 308 -21.34 -9.21 -9.41
CA PRO A 308 -21.65 -10.58 -9.85
C PRO A 308 -21.30 -11.64 -8.82
N GLY A 309 -21.98 -12.77 -8.89
CA GLY A 309 -21.75 -13.86 -7.96
C GLY A 309 -20.43 -14.56 -8.15
N ASN A 310 -19.90 -14.49 -9.37
CA ASN A 310 -18.62 -15.12 -9.67
C ASN A 310 -17.48 -14.44 -8.93
N PRO A 311 -16.68 -15.23 -8.20
CA PRO A 311 -15.62 -14.72 -7.31
C PRO A 311 -14.61 -13.83 -8.03
N VAL A 312 -14.25 -14.18 -9.26
CA VAL A 312 -13.33 -13.37 -10.03
C VAL A 312 -14.00 -12.07 -10.48
N SER A 313 -15.24 -12.17 -10.95
CA SER A 313 -16.00 -11.00 -11.39
C SER A 313 -16.17 -10.01 -10.25
N ALA A 314 -16.34 -10.54 -9.03
CA ALA A 314 -16.56 -9.71 -7.86
C ALA A 314 -15.34 -8.85 -7.53
N VAL A 315 -14.17 -9.49 -7.45
CA VAL A 315 -12.96 -8.79 -7.05
C VAL A 315 -12.46 -7.86 -8.15
N VAL A 316 -12.72 -8.21 -9.41
CA VAL A 316 -12.34 -7.36 -10.53
C VAL A 316 -13.18 -6.08 -10.55
N THR A 317 -14.50 -6.24 -10.49
CA THR A 317 -15.40 -5.08 -10.52
C THR A 317 -15.26 -4.22 -9.28
N CYS A 318 -14.87 -4.83 -8.17
CA CYS A 318 -14.65 -4.10 -6.93
C CYS A 318 -13.55 -3.06 -7.08
N ASN A 319 -12.44 -3.47 -7.67
CA ASN A 319 -11.32 -2.56 -7.89
C ASN A 319 -11.61 -1.54 -8.99
N LEU A 320 -12.47 -1.93 -9.92
CA LEU A 320 -12.84 -1.06 -11.03
C LEU A 320 -13.85 0.02 -10.62
N PHE A 321 -14.84 -0.35 -9.81
CA PHE A 321 -15.92 0.57 -9.48
C PHE A 321 -15.96 1.00 -8.01
N VAL A 322 -15.80 0.06 -7.08
CA VAL A 322 -15.95 0.36 -5.67
C VAL A 322 -14.80 1.20 -5.13
N VAL A 323 -13.58 0.77 -5.40
CA VAL A 323 -12.38 1.43 -4.87
C VAL A 323 -12.26 2.90 -5.32
N PRO A 324 -12.46 3.20 -6.63
CA PRO A 324 -12.40 4.62 -6.99
C PRO A 324 -13.48 5.46 -6.30
N ALA A 325 -14.65 4.87 -6.09
CA ALA A 325 -15.74 5.55 -5.40
C ALA A 325 -15.38 5.81 -3.94
N LEU A 326 -14.84 4.79 -3.27
CA LEU A 326 -14.44 4.91 -1.88
C LEU A 326 -13.39 6.00 -1.70
N ARG A 327 -12.50 6.12 -2.66
CA ARG A 327 -11.43 7.12 -2.59
C ARG A 327 -11.99 8.54 -2.77
N LYS A 328 -12.99 8.70 -3.63
CA LYS A 328 -13.64 10.01 -3.76
C LYS A 328 -14.33 10.37 -2.45
N MET A 329 -14.95 9.36 -1.84
CA MET A 329 -15.72 9.55 -0.61
C MET A 329 -14.85 10.01 0.56
N GLN A 330 -13.60 9.56 0.61
CA GLN A 330 -12.71 9.94 1.70
C GLN A 330 -12.00 11.27 1.43
N GLY A 331 -12.35 11.91 0.32
CA GLY A 331 -11.85 13.25 0.03
C GLY A 331 -10.69 13.35 -0.95
N ILE A 332 -10.29 12.23 -1.53
CA ILE A 332 -9.19 12.22 -2.49
C ILE A 332 -9.60 12.97 -3.74
N LEU A 333 -8.80 13.97 -4.12
CA LEU A 333 -9.16 14.87 -5.22
C LEU A 333 -9.13 14.20 -6.59
N ASP A 334 -8.22 13.26 -6.78
CA ASP A 334 -8.25 12.43 -7.98
C ASP A 334 -8.31 10.96 -7.59
N PRO A 335 -9.55 10.45 -7.39
CA PRO A 335 -9.76 9.09 -6.91
C PRO A 335 -9.52 8.05 -8.00
N ARG A 336 -9.23 8.53 -9.21
CA ARG A 336 -8.98 7.67 -10.35
C ARG A 336 -7.75 6.79 -10.11
N PRO A 337 -7.82 5.53 -10.56
CA PRO A 337 -6.75 4.55 -10.31
C PRO A 337 -5.49 4.84 -11.11
N THR A 338 -4.37 4.30 -10.66
CA THR A 338 -3.09 4.50 -11.36
C THR A 338 -2.97 3.50 -12.51
N ILE A 339 -2.67 4.02 -13.70
CA ILE A 339 -2.52 3.17 -14.89
C ILE A 339 -1.11 3.22 -15.46
N ILE A 340 -0.47 2.06 -15.54
CA ILE A 340 0.89 1.96 -16.02
C ILE A 340 0.97 1.09 -17.27
N LYS A 341 1.93 1.39 -18.14
CA LYS A 341 2.17 0.63 -19.36
C LYS A 341 3.05 -0.58 -19.05
N ALA A 342 2.68 -1.76 -19.54
CA ALA A 342 3.45 -2.96 -19.27
C ALA A 342 3.45 -3.93 -20.45
N ARG A 343 4.35 -4.90 -20.41
CA ARG A 343 4.45 -5.92 -21.45
C ARG A 343 3.76 -7.22 -21.03
N LEU A 344 3.00 -7.79 -21.96
CA LEU A 344 2.36 -9.08 -21.73
C LEU A 344 3.37 -10.19 -21.55
N SER A 345 3.16 -11.05 -20.56
CA SER A 345 4.01 -12.21 -20.37
C SER A 345 3.50 -13.40 -21.18
N CYS A 346 2.23 -13.35 -21.55
CA CYS A 346 1.59 -14.44 -22.26
C CYS A 346 0.77 -13.94 -23.45
N ASP A 347 0.55 -14.81 -24.43
CA ASP A 347 -0.34 -14.51 -25.55
C ASP A 347 -1.79 -14.48 -25.06
N VAL A 348 -2.60 -13.59 -25.63
CA VAL A 348 -4.00 -13.48 -25.22
C VAL A 348 -4.93 -13.24 -26.40
N LYS A 349 -6.13 -13.83 -26.32
CA LYS A 349 -7.16 -13.63 -27.33
C LYS A 349 -8.06 -12.47 -26.89
N LEU A 350 -8.48 -11.64 -27.83
CA LEU A 350 -9.32 -10.49 -27.50
C LEU A 350 -10.82 -10.78 -27.58
N ASP A 351 -11.56 -10.12 -26.69
CA ASP A 351 -13.01 -10.25 -26.64
C ASP A 351 -13.63 -8.95 -27.13
N PRO A 352 -14.83 -9.03 -27.74
CA PRO A 352 -15.56 -7.81 -28.14
C PRO A 352 -15.78 -6.85 -26.98
N ARG A 353 -15.76 -7.38 -25.77
CA ARG A 353 -15.86 -6.58 -24.55
C ARG A 353 -14.48 -6.15 -24.09
N PRO A 354 -14.39 -5.00 -23.40
CA PRO A 354 -13.13 -4.71 -22.71
C PRO A 354 -12.91 -5.74 -21.61
N GLU A 355 -11.71 -6.30 -21.53
CA GLU A 355 -11.47 -7.43 -20.66
C GLU A 355 -10.48 -7.09 -19.55
N TYR A 356 -10.66 -7.72 -18.38
CA TYR A 356 -9.80 -7.46 -17.23
C TYR A 356 -9.36 -8.75 -16.56
N HIS A 357 -8.07 -8.82 -16.24
CA HIS A 357 -7.50 -10.00 -15.58
C HIS A 357 -6.56 -9.60 -14.45
N ARG A 358 -6.65 -10.32 -13.35
CA ARG A 358 -5.70 -10.18 -12.25
C ARG A 358 -4.32 -10.60 -12.75
N CYS A 359 -3.29 -9.81 -12.43
CA CYS A 359 -1.94 -10.14 -12.86
C CYS A 359 -0.89 -9.64 -11.89
N ILE A 360 0.34 -10.09 -12.10
CA ILE A 360 1.47 -9.67 -11.27
C ILE A 360 2.44 -8.83 -12.08
N LEU A 361 2.72 -7.61 -11.59
CA LEU A 361 3.67 -6.73 -12.26
C LEU A 361 5.07 -6.96 -11.71
N THR A 362 6.03 -7.15 -12.61
CA THR A 362 7.41 -7.36 -12.22
C THR A 362 8.36 -6.53 -13.07
N TRP A 363 9.25 -5.79 -12.43
CA TRP A 363 10.21 -4.96 -13.15
C TRP A 363 11.58 -5.64 -13.28
N HIS A 364 12.12 -5.65 -14.49
CA HIS A 364 13.43 -6.23 -14.75
C HIS A 364 14.46 -5.14 -14.99
N HIS A 365 15.58 -5.22 -14.27
CA HIS A 365 16.61 -4.18 -14.28
C HIS A 365 17.13 -3.76 -15.66
N GLN A 366 17.18 -4.69 -16.61
CA GLN A 366 17.73 -4.37 -17.92
C GLN A 366 16.62 -3.98 -18.89
N GLU A 367 15.45 -3.69 -18.34
CA GLU A 367 14.30 -3.36 -19.15
C GLU A 367 13.53 -2.18 -18.56
N PRO A 368 13.14 -1.21 -19.41
CA PRO A 368 12.45 -0.01 -18.94
C PRO A 368 11.04 -0.31 -18.45
N LEU A 369 10.35 -1.21 -19.14
CA LEU A 369 8.96 -1.51 -18.83
C LEU A 369 8.82 -2.78 -17.99
N PRO A 370 7.80 -2.82 -17.12
CA PRO A 370 7.49 -4.00 -16.31
C PRO A 370 6.74 -5.06 -17.10
N TRP A 371 6.80 -6.30 -16.65
CA TRP A 371 6.05 -7.37 -17.29
C TRP A 371 4.81 -7.70 -16.48
N ALA A 372 3.74 -8.02 -17.18
CA ALA A 372 2.49 -8.40 -16.53
C ALA A 372 2.16 -9.85 -16.86
N GLN A 373 2.04 -10.67 -15.82
CA GLN A 373 1.73 -12.09 -16.02
C GLN A 373 0.32 -12.42 -15.56
N SER A 374 -0.52 -12.81 -16.51
CA SER A 374 -1.91 -13.13 -16.24
C SER A 374 -2.07 -14.23 -15.20
N THR A 375 -3.11 -14.11 -14.38
CA THR A 375 -3.51 -15.16 -13.45
C THR A 375 -5.04 -15.21 -13.46
N GLY A 376 -5.65 -14.28 -14.17
CA GLY A 376 -7.09 -14.19 -14.29
C GLY A 376 -7.69 -15.27 -15.17
N ASN A 377 -7.04 -16.43 -15.18
CA ASN A 377 -7.54 -17.60 -15.89
C ASN A 377 -7.97 -18.63 -14.86
N GLN A 378 -8.63 -18.15 -13.81
CA GLN A 378 -9.09 -18.97 -12.70
C GLN A 378 -10.09 -20.03 -13.12
N MET A 379 -10.46 -20.90 -12.18
CA MET A 379 -11.49 -21.91 -12.36
C MET A 379 -11.10 -22.96 -13.42
N SER A 380 -9.85 -22.95 -13.83
CA SER A 380 -9.34 -23.95 -14.77
C SER A 380 -7.86 -24.20 -14.53
N SER A 381 -7.04 -23.20 -14.80
CA SER A 381 -5.62 -23.26 -14.51
C SER A 381 -5.20 -22.02 -13.71
N ARG A 382 -4.83 -22.25 -12.46
CA ARG A 382 -4.48 -21.18 -11.54
C ARG A 382 -2.99 -21.15 -11.22
N LEU A 383 -2.33 -20.05 -11.59
CA LEU A 383 -0.91 -19.89 -11.33
C LEU A 383 -0.61 -19.75 -9.84
N MET A 384 0.00 -20.78 -9.27
CA MET A 384 0.42 -20.75 -7.87
C MET A 384 1.72 -19.97 -7.71
N SER A 385 1.60 -18.65 -7.56
CA SER A 385 2.74 -17.78 -7.32
C SER A 385 2.89 -17.44 -5.84
N MET A 386 4.09 -17.03 -5.45
CA MET A 386 4.36 -16.64 -4.07
C MET A 386 4.10 -15.15 -3.87
N ARG A 387 3.70 -14.49 -4.97
CA ARG A 387 3.37 -13.08 -4.95
C ARG A 387 1.87 -12.89 -5.19
N SER A 388 1.27 -11.95 -4.47
CA SER A 388 -0.13 -11.63 -4.69
C SER A 388 -0.26 -10.74 -5.92
N ALA A 389 -1.38 -10.83 -6.62
CA ALA A 389 -1.60 -10.01 -7.80
C ALA A 389 -1.69 -8.55 -7.42
N ASN A 390 -0.88 -7.71 -8.06
CA ASN A 390 -0.86 -6.29 -7.75
C ASN A 390 -1.28 -5.44 -8.94
N GLY A 391 -1.78 -6.11 -9.99
CA GLY A 391 -2.18 -5.40 -11.19
C GLY A 391 -3.47 -5.94 -11.78
N LEU A 392 -4.18 -5.06 -12.48
CA LEU A 392 -5.38 -5.45 -13.21
C LEU A 392 -5.16 -5.17 -14.69
N LEU A 393 -4.97 -6.22 -15.47
CA LEU A 393 -4.72 -6.10 -16.90
C LEU A 393 -5.91 -5.47 -17.61
N MET A 394 -5.65 -4.44 -18.40
CA MET A 394 -6.71 -3.78 -19.15
C MET A 394 -6.56 -4.06 -20.63
N LEU A 395 -7.26 -5.09 -21.09
CA LEU A 395 -7.19 -5.53 -22.48
C LEU A 395 -8.23 -4.81 -23.33
N PRO A 396 -7.83 -4.38 -24.53
CA PRO A 396 -8.74 -3.62 -25.40
C PRO A 396 -9.80 -4.54 -26.03
N PRO A 397 -10.93 -3.95 -26.43
CA PRO A 397 -11.95 -4.68 -27.20
C PRO A 397 -11.49 -4.96 -28.62
N LYS A 398 -11.96 -6.06 -29.20
CA LYS A 398 -11.51 -6.48 -30.53
C LYS A 398 -11.93 -5.49 -31.61
N THR A 399 -11.12 -5.40 -32.65
CA THR A 399 -11.42 -4.54 -33.80
C THR A 399 -11.34 -5.34 -35.09
N GLU A 400 -11.80 -4.72 -36.17
CA GLU A 400 -11.75 -5.35 -37.49
C GLU A 400 -10.32 -5.74 -37.86
N GLN A 401 -9.36 -4.93 -37.42
CA GLN A 401 -7.96 -5.14 -37.78
C GLN A 401 -7.20 -5.99 -36.75
N TYR A 402 -7.20 -5.55 -35.49
CA TYR A 402 -6.49 -6.26 -34.44
C TYR A 402 -7.39 -7.23 -33.68
N VAL A 403 -7.04 -8.51 -33.72
CA VAL A 403 -7.86 -9.55 -33.09
C VAL A 403 -7.08 -10.31 -32.01
N GLU A 404 -5.77 -10.13 -31.96
CA GLU A 404 -4.93 -10.88 -31.04
C GLU A 404 -3.71 -10.08 -30.59
N LEU A 405 -3.32 -10.29 -29.33
CA LEU A 405 -2.15 -9.63 -28.77
C LEU A 405 -1.08 -10.65 -28.43
N HIS A 406 0.16 -10.34 -28.77
CA HIS A 406 1.24 -11.31 -28.64
C HIS A 406 2.13 -11.00 -27.43
N LYS A 407 2.76 -12.05 -26.90
CA LYS A 407 3.69 -11.93 -25.78
C LYS A 407 4.75 -10.86 -26.03
N GLY A 408 4.87 -9.91 -25.10
CA GLY A 408 5.84 -8.85 -25.22
C GLY A 408 5.25 -7.51 -25.60
N GLU A 409 4.06 -7.53 -26.20
CA GLU A 409 3.40 -6.31 -26.65
C GLU A 409 2.86 -5.50 -25.48
N VAL A 410 2.86 -4.18 -25.63
CA VAL A 410 2.55 -3.28 -24.53
C VAL A 410 1.06 -3.07 -24.31
N VAL A 411 0.61 -3.35 -23.10
CA VAL A 411 -0.79 -3.16 -22.71
C VAL A 411 -0.88 -2.28 -21.48
N ASP A 412 -2.08 -1.78 -21.18
CA ASP A 412 -2.29 -0.99 -19.98
C ASP A 412 -2.62 -1.88 -18.78
N VAL A 413 -2.00 -1.57 -17.65
CA VAL A 413 -2.21 -2.33 -16.42
C VAL A 413 -2.59 -1.40 -15.27
N MET A 414 -3.68 -1.74 -14.59
CA MET A 414 -4.17 -0.94 -13.47
C MET A 414 -3.57 -1.42 -12.15
N VAL A 415 -2.87 -0.52 -11.46
CA VAL A 415 -2.26 -0.85 -10.18
C VAL A 415 -3.32 -1.07 -9.11
N ILE A 416 -3.30 -2.23 -8.46
CA ILE A 416 -4.29 -2.54 -7.43
C ILE A 416 -3.66 -3.03 -6.12
N GLY A 417 -2.49 -2.50 -5.78
CA GLY A 417 -1.85 -2.86 -4.54
C GLY A 417 -0.44 -2.31 -4.41
N ARG A 418 0.14 -2.49 -3.22
CA ARG A 418 1.56 -2.18 -3.02
C ARG A 418 2.39 -3.01 -3.99
N LEU A 419 3.37 -2.36 -4.62
CA LEU A 419 4.20 -3.02 -5.62
C LEU A 419 5.20 -4.00 -4.98
N PRO B 3 36.84 6.65 14.03
CA PRO B 3 35.82 5.85 14.71
C PRO B 3 35.51 4.55 13.97
N PHE B 4 34.53 4.59 13.08
CA PHE B 4 34.12 3.43 12.30
C PHE B 4 34.54 3.56 10.85
N PRO B 5 34.88 2.43 10.21
CA PRO B 5 35.20 2.46 8.78
C PRO B 5 34.01 2.89 7.94
N LEU B 6 34.28 3.50 6.79
CA LEU B 6 33.25 3.92 5.86
C LEU B 6 32.71 2.74 5.06
N THR B 7 31.43 2.45 5.21
CA THR B 7 30.82 1.31 4.53
C THR B 7 30.17 1.72 3.21
N SER B 8 30.47 0.95 2.17
CA SER B 8 29.86 1.20 0.87
C SER B 8 28.36 0.94 0.95
N MET B 9 27.60 1.58 0.07
CA MET B 9 26.15 1.51 0.12
C MET B 9 25.61 0.09 -0.06
N ASP B 10 26.21 -0.66 -0.98
CA ASP B 10 25.78 -2.03 -1.25
C ASP B 10 26.10 -2.97 -0.09
N LYS B 11 27.30 -2.86 0.46
CA LYS B 11 27.73 -3.74 1.54
C LYS B 11 26.88 -3.55 2.79
N ALA B 12 26.49 -2.30 3.06
CA ALA B 12 25.65 -2.00 4.21
C ALA B 12 24.30 -2.69 4.09
N PHE B 13 23.72 -2.63 2.90
CA PHE B 13 22.42 -3.24 2.63
C PHE B 13 22.45 -4.76 2.77
N ILE B 14 23.43 -5.39 2.14
CA ILE B 14 23.55 -6.84 2.17
C ILE B 14 23.79 -7.36 3.60
N THR B 15 24.61 -6.64 4.35
CA THR B 15 24.91 -7.02 5.73
C THR B 15 23.70 -6.92 6.65
N VAL B 16 22.81 -5.98 6.38
CA VAL B 16 21.57 -5.86 7.14
C VAL B 16 20.68 -7.08 6.91
N LEU B 17 20.49 -7.43 5.64
CA LEU B 17 19.64 -8.55 5.26
C LEU B 17 20.22 -9.88 5.69
N GLU B 18 21.54 -10.02 5.65
CA GLU B 18 22.18 -11.27 6.05
C GLU B 18 22.09 -11.52 7.55
N MET B 19 22.13 -10.45 8.34
CA MET B 19 22.13 -10.59 9.80
C MET B 19 20.73 -10.51 10.41
N THR B 20 19.73 -10.12 9.61
CA THR B 20 18.37 -10.06 10.10
C THR B 20 17.72 -11.44 10.05
N PRO B 21 17.24 -11.93 11.20
CA PRO B 21 16.62 -13.25 11.31
C PRO B 21 15.20 -13.30 10.76
N VAL B 22 14.71 -14.50 10.47
CA VAL B 22 13.30 -14.69 10.11
C VAL B 22 12.54 -15.17 11.33
N LEU B 23 11.47 -14.47 11.68
CA LEU B 23 10.75 -14.72 12.92
C LEU B 23 10.04 -16.06 12.97
N GLY B 24 9.59 -16.44 14.16
CA GLY B 24 8.90 -17.69 14.36
C GLY B 24 7.52 -17.71 13.77
N THR B 25 6.79 -18.79 14.01
CA THR B 25 5.47 -18.95 13.42
C THR B 25 4.37 -18.87 14.47
N GLU B 26 3.16 -18.58 14.02
CA GLU B 26 1.99 -18.54 14.89
C GLU B 26 0.74 -18.91 14.09
N ILE B 27 -0.32 -19.29 14.79
CA ILE B 27 -1.58 -19.61 14.14
C ILE B 27 -2.54 -18.43 14.20
N ILE B 28 -3.06 -18.03 13.04
CA ILE B 28 -3.99 -16.91 12.96
C ILE B 28 -5.26 -17.30 12.22
N ASN B 29 -6.32 -16.51 12.42
CA ASN B 29 -7.53 -16.69 11.65
C ASN B 29 -7.34 -16.16 10.24
N TYR B 30 -8.04 -16.75 9.27
CA TYR B 30 -7.85 -16.39 7.87
C TYR B 30 -8.24 -14.94 7.58
N ARG B 31 -9.16 -14.39 8.37
CA ARG B 31 -9.61 -13.03 8.17
C ARG B 31 -8.52 -12.02 8.50
N ASP B 32 -7.62 -12.40 9.40
CA ASP B 32 -6.56 -11.50 9.84
C ASP B 32 -5.26 -11.80 9.10
N GLY B 33 -5.37 -12.58 8.03
CA GLY B 33 -4.22 -13.05 7.29
C GLY B 33 -3.64 -12.09 6.25
N MET B 34 -4.25 -10.91 6.12
CA MET B 34 -3.79 -9.92 5.15
C MET B 34 -2.32 -9.51 5.37
N GLY B 35 -1.52 -9.72 4.33
CA GLY B 35 -0.13 -9.32 4.36
C GLY B 35 0.79 -10.35 4.99
N ARG B 36 0.22 -11.45 5.45
CA ARG B 36 0.99 -12.51 6.10
C ARG B 36 1.69 -13.43 5.10
N VAL B 37 2.72 -14.11 5.58
CA VAL B 37 3.38 -15.14 4.79
C VAL B 37 3.10 -16.51 5.39
N LEU B 38 2.63 -17.44 4.56
CA LEU B 38 2.31 -18.79 5.01
C LEU B 38 3.55 -19.51 5.52
N ALA B 39 3.41 -20.19 6.65
CA ALA B 39 4.49 -20.99 7.21
C ALA B 39 4.14 -22.45 7.02
N GLN B 40 3.14 -22.69 6.19
CA GLN B 40 2.64 -24.02 5.90
C GLN B 40 2.08 -24.07 4.49
N ASP B 41 2.05 -25.26 3.91
CA ASP B 41 1.26 -25.47 2.70
C ASP B 41 -0.21 -25.57 3.11
N VAL B 42 -1.11 -25.13 2.24
CA VAL B 42 -2.53 -25.26 2.53
C VAL B 42 -3.16 -26.20 1.53
N TYR B 43 -3.78 -27.26 2.05
CA TYR B 43 -4.40 -28.26 1.19
C TYR B 43 -5.91 -28.16 1.28
N ALA B 44 -6.58 -28.34 0.16
CA ALA B 44 -8.04 -28.34 0.12
C ALA B 44 -8.58 -29.66 0.65
N LYS B 45 -9.64 -29.59 1.43
CA LYS B 45 -10.27 -30.79 1.99
C LYS B 45 -11.58 -31.13 1.28
N ASP B 46 -11.96 -30.32 0.30
CA ASP B 46 -13.14 -30.59 -0.52
C ASP B 46 -12.81 -30.50 -2.01
N ASN B 47 -13.76 -30.88 -2.84
CA ASN B 47 -13.71 -30.56 -4.26
C ASN B 47 -14.43 -29.25 -4.53
N LEU B 48 -13.97 -28.50 -5.52
CA LEU B 48 -14.72 -27.34 -6.00
C LEU B 48 -14.86 -27.40 -7.51
N PRO B 49 -16.10 -27.49 -8.01
CA PRO B 49 -17.32 -27.63 -7.20
C PRO B 49 -17.48 -29.05 -6.65
N PRO B 50 -18.22 -29.20 -5.53
CA PRO B 50 -18.43 -30.51 -4.94
C PRO B 50 -19.50 -31.30 -5.68
N PHE B 51 -20.19 -30.61 -6.59
CA PHE B 51 -21.23 -31.21 -7.40
C PHE B 51 -21.04 -30.75 -8.84
N PRO B 52 -21.49 -31.56 -9.81
CA PRO B 52 -21.41 -31.09 -11.20
C PRO B 52 -22.31 -29.88 -11.40
N ALA B 53 -21.77 -28.81 -11.97
CA ALA B 53 -22.52 -27.57 -12.12
C ALA B 53 -22.54 -27.10 -13.56
N SER B 54 -23.65 -26.50 -13.97
CA SER B 54 -23.80 -25.98 -15.32
C SER B 54 -22.94 -24.74 -15.49
N VAL B 55 -22.39 -24.55 -16.69
CA VAL B 55 -21.64 -23.34 -16.97
C VAL B 55 -22.56 -22.30 -17.61
N LYS B 56 -23.60 -22.79 -18.28
CA LYS B 56 -24.49 -21.93 -19.05
C LYS B 56 -25.95 -22.15 -18.69
N ASP B 57 -26.78 -21.12 -18.90
CA ASP B 57 -28.22 -21.26 -18.72
C ASP B 57 -28.85 -21.96 -19.92
N GLY B 58 -29.63 -23.00 -19.65
CA GLY B 58 -30.24 -23.78 -20.70
C GLY B 58 -30.92 -25.01 -20.13
N TYR B 59 -30.56 -26.19 -20.65
CA TYR B 59 -31.16 -27.43 -20.18
C TYR B 59 -30.12 -28.55 -20.08
N ALA B 60 -30.19 -29.31 -18.98
CA ALA B 60 -29.35 -30.49 -18.80
C ALA B 60 -29.99 -31.70 -19.47
N VAL B 61 -29.28 -32.31 -20.42
CA VAL B 61 -29.85 -33.39 -21.21
C VAL B 61 -29.00 -34.66 -21.17
N ARG B 62 -29.61 -35.79 -21.50
CA ARG B 62 -28.89 -37.03 -21.75
C ARG B 62 -28.35 -37.01 -23.18
N ALA B 63 -27.02 -37.05 -23.30
CA ALA B 63 -26.37 -36.93 -24.61
C ALA B 63 -26.78 -38.04 -25.56
N ALA B 64 -27.00 -39.24 -25.03
CA ALA B 64 -27.38 -40.39 -25.84
C ALA B 64 -28.76 -40.23 -26.47
N ASP B 65 -29.57 -39.34 -25.91
CA ASP B 65 -30.88 -39.03 -26.48
C ASP B 65 -30.74 -38.29 -27.80
N GLY B 66 -29.66 -37.50 -27.91
CA GLY B 66 -29.43 -36.68 -29.09
C GLY B 66 -30.43 -35.54 -29.20
N PRO B 67 -30.52 -34.94 -30.39
CA PRO B 67 -31.47 -33.84 -30.65
C PRO B 67 -32.90 -34.34 -30.78
N GLY B 68 -33.87 -33.46 -30.50
CA GLY B 68 -35.27 -33.83 -30.58
C GLY B 68 -36.15 -33.08 -29.62
N ASP B 69 -37.38 -33.56 -29.44
CA ASP B 69 -38.34 -32.95 -28.53
C ASP B 69 -38.36 -33.69 -27.19
N ARG B 70 -38.20 -32.93 -26.10
CA ARG B 70 -38.20 -33.53 -24.77
C ARG B 70 -39.15 -32.82 -23.80
N PHE B 71 -39.71 -33.60 -22.89
CA PHE B 71 -40.59 -33.09 -21.84
C PHE B 71 -39.77 -32.61 -20.66
N ILE B 72 -40.03 -31.38 -20.19
CA ILE B 72 -39.28 -30.83 -19.08
C ILE B 72 -39.86 -31.30 -17.74
N ILE B 73 -39.09 -32.10 -17.02
CA ILE B 73 -39.59 -32.76 -15.81
C ILE B 73 -39.44 -31.87 -14.58
N GLY B 74 -38.69 -30.79 -14.71
CA GLY B 74 -38.51 -29.86 -13.62
C GLY B 74 -37.34 -28.91 -13.82
N GLU B 75 -37.04 -28.14 -12.78
CA GLU B 75 -35.95 -27.19 -12.83
C GLU B 75 -35.05 -27.36 -11.61
N SER B 76 -33.75 -27.38 -11.84
CA SER B 76 -32.79 -27.53 -10.74
C SER B 76 -32.43 -26.16 -10.20
N GLN B 77 -32.71 -25.95 -8.92
CA GLN B 77 -32.51 -24.64 -8.31
C GLN B 77 -31.22 -24.65 -7.49
N ALA B 78 -30.45 -23.57 -7.61
CA ALA B 78 -29.18 -23.45 -6.89
C ALA B 78 -29.37 -23.56 -5.39
N GLY B 79 -28.50 -24.35 -4.75
CA GLY B 79 -28.53 -24.50 -3.32
C GLY B 79 -29.31 -25.73 -2.89
N GLU B 80 -29.88 -26.42 -3.86
CA GLU B 80 -30.67 -27.61 -3.59
C GLU B 80 -30.27 -28.74 -4.53
N GLN B 81 -29.75 -29.83 -3.96
CA GLN B 81 -29.32 -30.97 -4.76
C GLN B 81 -30.54 -31.71 -5.31
N PRO B 82 -30.63 -31.80 -6.65
CA PRO B 82 -31.82 -32.31 -7.34
C PRO B 82 -32.16 -33.76 -6.98
N THR B 83 -33.45 -34.06 -6.98
CA THR B 83 -33.94 -35.36 -6.57
C THR B 83 -34.49 -36.15 -7.76
N GLN B 84 -34.81 -35.45 -8.83
CA GLN B 84 -35.38 -36.08 -10.00
C GLN B 84 -34.29 -36.64 -10.90
N THR B 85 -34.59 -37.72 -11.60
CA THR B 85 -33.66 -38.33 -12.53
C THR B 85 -34.14 -38.15 -13.96
N VAL B 86 -33.28 -37.62 -14.82
CA VAL B 86 -33.63 -37.40 -16.22
C VAL B 86 -33.65 -38.73 -16.97
N MET B 87 -34.83 -39.11 -17.45
CA MET B 87 -35.03 -40.33 -18.23
C MET B 87 -34.97 -40.03 -19.72
N PRO B 88 -34.77 -41.06 -20.56
CA PRO B 88 -34.73 -40.82 -22.01
C PRO B 88 -35.97 -40.10 -22.52
N GLY B 89 -35.78 -39.01 -23.26
CA GLY B 89 -36.90 -38.23 -23.76
C GLY B 89 -37.28 -37.12 -22.79
N GLN B 90 -36.54 -37.00 -21.71
CA GLN B 90 -36.80 -35.96 -20.71
C GLN B 90 -35.64 -34.98 -20.63
N VAL B 91 -35.93 -33.78 -20.13
CA VAL B 91 -34.90 -32.77 -19.95
C VAL B 91 -35.18 -31.96 -18.68
N MET B 92 -34.17 -31.29 -18.14
CA MET B 92 -34.37 -30.46 -16.95
C MET B 92 -33.78 -29.06 -17.10
N ARG B 93 -34.58 -28.05 -16.80
CA ARG B 93 -34.16 -26.66 -16.88
C ARG B 93 -33.10 -26.35 -15.82
N VAL B 94 -32.02 -25.70 -16.24
CA VAL B 94 -30.95 -25.37 -15.32
C VAL B 94 -30.49 -23.91 -15.46
N THR B 95 -30.00 -23.38 -14.35
CA THR B 95 -29.37 -22.07 -14.33
C THR B 95 -27.88 -22.31 -14.12
N THR B 96 -27.07 -21.25 -14.18
CA THR B 96 -25.63 -21.41 -14.11
C THR B 96 -25.15 -22.07 -12.81
N GLY B 97 -25.37 -21.42 -11.68
CA GLY B 97 -24.94 -21.97 -10.40
C GLY B 97 -25.60 -23.27 -9.97
N ALA B 98 -26.57 -23.73 -10.74
CA ALA B 98 -27.35 -24.92 -10.38
C ALA B 98 -26.61 -26.23 -10.64
N PRO B 99 -26.84 -27.23 -9.78
CA PRO B 99 -26.30 -28.59 -9.89
C PRO B 99 -26.97 -29.40 -11.00
N ILE B 100 -26.21 -30.30 -11.62
CA ILE B 100 -26.72 -31.18 -12.66
C ILE B 100 -27.48 -32.37 -12.06
N PRO B 101 -28.68 -32.66 -12.58
CA PRO B 101 -29.50 -33.78 -12.12
C PRO B 101 -28.85 -35.15 -12.39
N CYS B 102 -29.41 -36.19 -11.80
CA CYS B 102 -28.81 -37.52 -11.85
C CYS B 102 -28.80 -38.10 -13.27
N GLY B 103 -29.82 -37.78 -14.06
CA GLY B 103 -29.96 -38.34 -15.38
C GLY B 103 -29.04 -37.80 -16.46
N ALA B 104 -28.89 -36.48 -16.51
CA ALA B 104 -28.19 -35.82 -17.60
C ALA B 104 -26.67 -36.00 -17.55
N ASP B 105 -26.02 -35.84 -18.69
CA ASP B 105 -24.57 -35.89 -18.79
C ASP B 105 -24.04 -34.75 -19.64
N ALA B 106 -24.92 -33.80 -19.96
CA ALA B 106 -24.56 -32.66 -20.80
C ALA B 106 -25.59 -31.54 -20.67
N VAL B 107 -25.16 -30.32 -20.96
CA VAL B 107 -26.06 -29.16 -20.96
C VAL B 107 -26.07 -28.43 -22.30
N VAL B 108 -27.25 -28.17 -22.82
CA VAL B 108 -27.40 -27.36 -24.03
C VAL B 108 -27.97 -25.99 -23.65
N GLN B 109 -27.29 -24.93 -24.08
CA GLN B 109 -27.70 -23.57 -23.75
C GLN B 109 -29.01 -23.19 -24.44
N VAL B 110 -29.73 -22.23 -23.85
CA VAL B 110 -31.04 -21.83 -24.33
C VAL B 110 -30.97 -21.20 -25.73
N GLU B 111 -29.83 -20.64 -26.08
CA GLU B 111 -29.63 -20.04 -27.40
C GLU B 111 -29.64 -21.11 -28.50
N ASP B 112 -29.37 -22.35 -28.14
CA ASP B 112 -29.36 -23.45 -29.10
C ASP B 112 -30.58 -24.36 -28.94
N THR B 113 -31.67 -23.81 -28.41
CA THR B 113 -32.91 -24.58 -28.26
C THR B 113 -34.12 -23.71 -28.59
N GLU B 114 -35.26 -24.35 -28.83
CA GLU B 114 -36.50 -23.62 -29.06
C GLU B 114 -37.63 -24.16 -28.19
N LEU B 115 -38.34 -23.23 -27.54
CA LEU B 115 -39.44 -23.57 -26.65
C LEU B 115 -40.67 -24.06 -27.44
N ILE B 116 -41.23 -25.19 -27.02
CA ILE B 116 -42.36 -25.81 -27.72
C ILE B 116 -43.70 -25.55 -27.03
N ARG B 117 -43.75 -25.77 -25.72
CA ARG B 117 -45.00 -25.62 -24.97
C ARG B 117 -44.77 -24.73 -23.73
N GLU B 118 -45.79 -23.97 -23.38
CA GLU B 118 -45.72 -23.04 -22.25
C GLU B 118 -46.80 -23.31 -21.20
N SER B 119 -46.56 -22.84 -19.98
CA SER B 119 -47.53 -22.97 -18.90
C SER B 119 -48.85 -22.30 -19.27
N ASP B 120 -49.95 -22.86 -18.77
CA ASP B 120 -51.30 -22.40 -19.11
C ASP B 120 -51.54 -20.93 -18.74
N GLU B 125 -42.52 -23.32 -18.57
CA GLU B 125 -42.07 -24.12 -19.70
C GLU B 125 -42.39 -25.60 -19.49
N LEU B 126 -42.88 -26.25 -20.54
CA LEU B 126 -43.31 -27.64 -20.44
C LEU B 126 -42.54 -28.57 -21.38
N GLU B 127 -42.21 -28.07 -22.57
CA GLU B 127 -41.60 -28.90 -23.60
C GLU B 127 -40.66 -28.09 -24.50
N VAL B 128 -39.50 -28.65 -24.81
CA VAL B 128 -38.52 -27.96 -25.66
C VAL B 128 -37.94 -28.86 -26.75
N ARG B 129 -37.57 -28.25 -27.86
CA ARG B 129 -36.92 -28.95 -28.96
C ARG B 129 -35.42 -28.65 -29.01
N ILE B 130 -34.60 -29.68 -28.81
CA ILE B 130 -33.15 -29.52 -28.86
C ILE B 130 -32.61 -29.63 -30.27
N LEU B 131 -31.97 -28.56 -30.74
CA LEU B 131 -31.56 -28.45 -32.13
C LEU B 131 -30.12 -28.93 -32.38
N VAL B 132 -29.37 -29.17 -31.31
CA VAL B 132 -27.97 -29.55 -31.44
C VAL B 132 -27.66 -30.89 -30.79
N GLN B 133 -26.67 -31.59 -31.34
CA GLN B 133 -26.20 -32.86 -30.78
C GLN B 133 -25.15 -32.58 -29.71
N ALA B 134 -25.53 -32.73 -28.45
CA ALA B 134 -24.63 -32.46 -27.33
C ALA B 134 -23.58 -33.55 -27.16
N ARG B 135 -22.37 -33.13 -26.80
CA ARG B 135 -21.31 -34.05 -26.40
C ARG B 135 -21.42 -34.33 -24.90
N PRO B 136 -20.98 -35.52 -24.45
CA PRO B 136 -21.01 -35.85 -23.03
C PRO B 136 -20.13 -34.92 -22.18
N GLY B 137 -20.71 -34.29 -21.17
CA GLY B 137 -19.96 -33.41 -20.29
C GLY B 137 -19.91 -31.97 -20.78
N GLN B 138 -20.60 -31.69 -21.87
CA GLN B 138 -20.58 -30.37 -22.49
C GLN B 138 -21.24 -29.30 -21.63
N ASP B 139 -20.53 -28.17 -21.48
CA ASP B 139 -21.02 -27.03 -20.70
C ASP B 139 -21.36 -27.39 -19.26
N ILE B 140 -20.60 -28.31 -18.68
CA ILE B 140 -20.74 -28.67 -17.28
C ILE B 140 -19.37 -28.68 -16.61
N ARG B 141 -19.25 -28.01 -15.48
CA ARG B 141 -18.03 -28.08 -14.66
C ARG B 141 -18.15 -29.22 -13.66
N PRO B 142 -17.50 -30.36 -13.94
CA PRO B 142 -17.61 -31.60 -13.17
C PRO B 142 -17.01 -31.48 -11.78
N ILE B 143 -17.26 -32.48 -10.94
CA ILE B 143 -16.79 -32.46 -9.55
C ILE B 143 -15.28 -32.31 -9.45
N GLY B 144 -14.83 -31.24 -8.80
CA GLY B 144 -13.41 -30.99 -8.63
C GLY B 144 -12.74 -30.37 -9.83
N HIS B 145 -13.53 -29.72 -10.68
CA HIS B 145 -13.01 -29.07 -11.88
C HIS B 145 -12.04 -27.94 -11.55
N ASP B 146 -12.36 -27.18 -10.51
CA ASP B 146 -11.54 -26.02 -10.14
C ASP B 146 -10.51 -26.40 -9.09
N ILE B 147 -10.96 -27.11 -8.05
CA ILE B 147 -10.07 -27.59 -7.01
C ILE B 147 -10.37 -29.04 -6.70
N LYS B 148 -9.34 -29.87 -6.68
CA LYS B 148 -9.47 -31.28 -6.35
C LYS B 148 -9.13 -31.50 -4.88
N ARG B 149 -9.76 -32.47 -4.24
CA ARG B 149 -9.47 -32.77 -2.84
C ARG B 149 -8.02 -33.22 -2.67
N GLY B 150 -7.35 -32.70 -1.65
CA GLY B 150 -5.98 -33.08 -1.37
C GLY B 150 -4.97 -32.22 -2.10
N GLU B 151 -5.47 -31.39 -3.01
CA GLU B 151 -4.63 -30.48 -3.77
C GLU B 151 -4.11 -29.34 -2.89
N CYS B 152 -2.85 -28.98 -3.09
CA CYS B 152 -2.28 -27.81 -2.44
C CYS B 152 -2.72 -26.55 -3.18
N VAL B 153 -3.47 -25.69 -2.51
CA VAL B 153 -4.00 -24.49 -3.12
C VAL B 153 -3.11 -23.28 -2.86
N LEU B 154 -2.34 -23.34 -1.77
CA LEU B 154 -1.41 -22.28 -1.42
C LEU B 154 -0.12 -22.85 -0.87
N ALA B 155 1.01 -22.36 -1.38
CA ALA B 155 2.32 -22.87 -0.99
C ALA B 155 2.85 -22.13 0.23
N LYS B 156 3.72 -22.78 0.99
CA LYS B 156 4.45 -22.11 2.06
C LYS B 156 5.33 -21.02 1.47
N GLY B 157 5.24 -19.83 2.04
CA GLY B 157 6.02 -18.70 1.54
C GLY B 157 5.18 -17.71 0.75
N THR B 158 3.93 -18.06 0.50
CA THR B 158 3.01 -17.19 -0.23
C THR B 158 2.69 -15.94 0.58
N HIS B 159 2.89 -14.77 -0.02
CA HIS B 159 2.53 -13.51 0.62
C HIS B 159 1.06 -13.21 0.33
N MET B 160 0.21 -13.38 1.34
CA MET B 160 -1.23 -13.39 1.12
C MET B 160 -1.84 -12.00 0.97
N GLY B 161 -2.67 -11.86 -0.06
CA GLY B 161 -3.49 -10.69 -0.26
C GLY B 161 -4.95 -11.09 -0.22
N PRO B 162 -5.86 -10.18 -0.61
CA PRO B 162 -7.30 -10.41 -0.52
C PRO B 162 -7.76 -11.65 -1.29
N SER B 163 -7.17 -11.89 -2.46
CA SER B 163 -7.54 -13.02 -3.29
C SER B 163 -7.20 -14.34 -2.61
N GLU B 164 -6.07 -14.37 -1.92
CA GLU B 164 -5.61 -15.55 -1.20
C GLU B 164 -6.50 -15.79 0.03
N ILE B 165 -6.92 -14.70 0.67
CA ILE B 165 -7.79 -14.79 1.83
C ILE B 165 -9.11 -15.46 1.46
N GLY B 166 -9.64 -15.09 0.29
CA GLY B 166 -10.84 -15.70 -0.24
C GLY B 166 -10.65 -17.16 -0.59
N LEU B 167 -9.47 -17.49 -1.10
CA LEU B 167 -9.14 -18.87 -1.47
C LEU B 167 -9.13 -19.76 -0.24
N LEU B 168 -8.57 -19.25 0.86
CA LEU B 168 -8.62 -19.96 2.13
C LEU B 168 -10.06 -20.15 2.60
N ALA B 169 -10.86 -19.09 2.45
CA ALA B 169 -12.28 -19.14 2.83
C ALA B 169 -13.02 -20.17 2.00
N THR B 170 -12.65 -20.29 0.72
CA THR B 170 -13.24 -21.27 -0.17
C THR B 170 -13.04 -22.69 0.32
N VAL B 171 -11.79 -23.06 0.56
CA VAL B 171 -11.43 -24.43 0.90
C VAL B 171 -11.74 -24.76 2.37
N GLY B 172 -12.16 -23.75 3.12
CA GLY B 172 -12.54 -23.95 4.51
C GLY B 172 -11.40 -24.03 5.50
N VAL B 173 -10.25 -23.46 5.14
CA VAL B 173 -9.12 -23.41 6.06
C VAL B 173 -9.13 -22.07 6.78
N THR B 174 -9.76 -22.02 7.95
CA THR B 174 -9.98 -20.75 8.64
C THR B 174 -8.88 -20.43 9.63
N GLU B 175 -8.10 -21.44 10.02
CA GLU B 175 -6.94 -21.21 10.87
C GLU B 175 -5.69 -21.64 10.12
N VAL B 176 -4.71 -20.76 10.05
CA VAL B 176 -3.52 -21.04 9.25
C VAL B 176 -2.25 -20.52 9.93
N GLU B 177 -1.18 -21.30 9.81
CA GLU B 177 0.10 -20.97 10.43
C GLU B 177 0.92 -20.03 9.54
N VAL B 178 1.33 -18.91 10.12
CA VAL B 178 2.09 -17.90 9.39
C VAL B 178 3.28 -17.39 10.21
N ASN B 179 4.20 -16.71 9.55
CA ASN B 179 5.31 -16.06 10.24
C ASN B 179 4.82 -14.86 11.05
N LYS B 180 5.37 -14.69 12.25
CA LYS B 180 5.02 -13.56 13.10
C LYS B 180 5.39 -12.25 12.41
N PHE B 181 4.67 -11.19 12.76
CA PHE B 181 5.07 -9.85 12.33
C PHE B 181 6.08 -9.31 13.34
N PRO B 182 7.03 -8.52 12.87
CA PRO B 182 8.00 -7.92 13.81
C PRO B 182 7.37 -6.82 14.65
N VAL B 183 7.64 -6.84 15.96
CA VAL B 183 7.25 -5.74 16.82
C VAL B 183 8.39 -4.74 16.85
N VAL B 184 8.11 -3.50 16.46
CA VAL B 184 9.17 -2.51 16.31
C VAL B 184 9.05 -1.37 17.30
N ALA B 185 10.09 -1.20 18.12
CA ALA B 185 10.14 -0.11 19.08
C ALA B 185 10.95 1.06 18.52
N VAL B 186 10.40 2.27 18.61
CA VAL B 186 11.05 3.44 18.06
C VAL B 186 11.25 4.51 19.13
N MET B 187 12.44 5.08 19.18
CA MET B 187 12.77 6.11 20.16
C MET B 187 13.57 7.26 19.54
N SER B 188 13.56 8.40 20.21
CA SER B 188 14.34 9.56 19.79
C SER B 188 15.24 10.06 20.91
N THR B 189 16.45 10.49 20.55
CA THR B 189 17.40 11.00 21.54
C THR B 189 17.79 12.44 21.23
N GLY B 190 18.00 13.24 22.27
CA GLY B 190 18.37 14.63 22.09
C GLY B 190 17.78 15.56 23.13
N ASN B 191 18.59 16.50 23.61
CA ASN B 191 18.15 17.46 24.62
C ASN B 191 17.31 18.59 24.05
N GLU B 192 17.25 18.69 22.72
CA GLU B 192 16.46 19.74 22.08
C GLU B 192 15.05 19.26 21.73
N LEU B 193 14.81 17.97 21.89
CA LEU B 193 13.54 17.38 21.47
C LEU B 193 12.44 17.54 22.51
N LEU B 194 11.31 18.08 22.06
CA LEU B 194 10.08 18.09 22.84
C LEU B 194 9.04 17.29 22.10
N ASN B 195 8.03 16.80 22.83
CA ASN B 195 6.93 16.08 22.19
C ASN B 195 6.12 17.02 21.31
N PRO B 196 5.57 16.50 20.20
CA PRO B 196 4.74 17.30 19.30
C PRO B 196 3.56 17.96 20.01
N GLU B 197 3.01 17.27 20.99
CA GLU B 197 1.85 17.75 21.74
C GLU B 197 2.22 18.96 22.61
N ASP B 198 3.52 19.16 22.82
CA ASP B 198 4.00 20.19 23.72
C ASP B 198 4.24 21.51 23.00
N ASP B 199 4.09 22.62 23.72
CA ASP B 199 4.49 23.93 23.21
C ASP B 199 6.00 24.08 23.30
N LEU B 200 6.58 24.88 22.42
CA LEU B 200 8.02 25.06 22.38
C LEU B 200 8.56 25.80 23.59
N LEU B 201 9.79 25.48 23.96
CA LEU B 201 10.50 26.17 25.02
C LEU B 201 11.84 26.60 24.44
N PRO B 202 12.48 27.61 25.06
CA PRO B 202 13.73 28.16 24.51
C PRO B 202 14.80 27.11 24.25
N GLY B 203 15.31 27.08 23.02
CA GLY B 203 16.37 26.15 22.64
C GLY B 203 15.87 24.78 22.26
N LYS B 204 14.54 24.62 22.23
CA LYS B 204 13.95 23.32 21.96
C LYS B 204 13.15 23.31 20.65
N ILE B 205 12.99 22.12 20.08
CA ILE B 205 12.14 21.91 18.90
C ILE B 205 11.27 20.69 19.10
N ARG B 206 10.32 20.46 18.19
CA ARG B 206 9.42 19.32 18.30
C ARG B 206 9.94 18.08 17.58
N ASP B 207 9.65 16.93 18.17
CA ASP B 207 10.12 15.64 17.65
C ASP B 207 9.25 15.12 16.52
N SER B 208 9.80 15.13 15.30
CA SER B 208 9.05 14.67 14.13
C SER B 208 9.53 13.32 13.64
N ASN B 209 10.79 13.00 13.91
CA ASN B 209 11.39 11.73 13.50
C ASN B 209 10.61 10.53 14.01
N ARG B 210 10.24 10.56 15.28
CA ARG B 210 9.51 9.47 15.92
C ARG B 210 8.16 9.25 15.22
N SER B 211 7.44 10.34 14.97
CA SER B 211 6.14 10.27 14.32
C SER B 211 6.23 9.71 12.90
N THR B 212 7.19 10.20 12.12
CA THR B 212 7.39 9.77 10.75
C THR B 212 7.77 8.29 10.65
N LEU B 213 8.73 7.88 11.47
CA LEU B 213 9.21 6.50 11.45
C LEU B 213 8.11 5.53 11.83
N LEU B 214 7.39 5.86 12.89
CA LEU B 214 6.27 5.02 13.34
C LEU B 214 5.19 4.94 12.27
N ALA B 215 4.89 6.07 11.65
CA ALA B 215 3.88 6.12 10.58
C ALA B 215 4.29 5.27 9.39
N THR B 216 5.59 5.28 9.08
CA THR B 216 6.12 4.48 7.98
C THR B 216 5.98 2.98 8.25
N ILE B 217 6.31 2.56 9.46
CA ILE B 217 6.23 1.16 9.84
C ILE B 217 4.78 0.70 9.92
N GLN B 218 3.90 1.57 10.38
CA GLN B 218 2.47 1.27 10.45
C GLN B 218 1.86 1.11 9.06
N GLU B 219 2.37 1.86 8.09
CA GLU B 219 1.88 1.76 6.72
C GLU B 219 2.04 0.35 6.17
N HIS B 220 3.05 -0.37 6.63
CA HIS B 220 3.32 -1.71 6.14
C HIS B 220 2.62 -2.75 7.00
N GLY B 221 1.89 -2.29 8.01
CA GLY B 221 1.04 -3.15 8.80
C GLY B 221 1.70 -3.82 9.98
N TYR B 222 2.87 -3.32 10.38
CA TYR B 222 3.60 -3.90 11.49
C TYR B 222 3.24 -3.20 12.80
N PRO B 223 3.19 -3.97 13.91
CA PRO B 223 2.95 -3.40 15.24
C PRO B 223 4.14 -2.60 15.75
N THR B 224 3.88 -1.46 16.38
CA THR B 224 4.95 -0.60 16.87
C THR B 224 4.85 -0.28 18.35
N ILE B 225 5.98 0.10 18.95
CA ILE B 225 6.03 0.54 20.33
C ILE B 225 6.74 1.89 20.45
N ASN B 226 6.04 2.86 21.02
CA ASN B 226 6.61 4.20 21.17
C ASN B 226 7.35 4.32 22.49
N LEU B 227 8.67 4.34 22.41
CA LEU B 227 9.50 4.44 23.61
C LEU B 227 9.72 5.91 23.97
N GLY B 228 9.17 6.80 23.16
CA GLY B 228 9.22 8.22 23.44
C GLY B 228 10.61 8.81 23.31
N ILE B 229 10.80 10.00 23.87
CA ILE B 229 12.07 10.71 23.76
C ILE B 229 12.96 10.37 24.95
N VAL B 230 14.20 9.96 24.65
CA VAL B 230 15.14 9.59 25.69
C VAL B 230 16.25 10.63 25.81
N GLY B 231 16.61 10.98 27.04
CA GLY B 231 17.68 11.92 27.28
C GLY B 231 19.00 11.40 26.76
N ASP B 232 19.88 12.31 26.37
CA ASP B 232 21.17 11.91 25.81
C ASP B 232 22.19 11.58 26.90
N ASN B 233 21.91 10.53 27.66
CA ASN B 233 22.83 10.04 28.68
C ASN B 233 22.68 8.54 28.82
N PRO B 234 23.78 7.82 29.07
CA PRO B 234 23.83 6.35 29.12
C PRO B 234 22.78 5.72 30.03
N ASP B 235 22.53 6.32 31.19
CA ASP B 235 21.56 5.76 32.15
C ASP B 235 20.17 5.66 31.55
N ASP B 236 19.61 6.79 31.14
CA ASP B 236 18.29 6.83 30.54
C ASP B 236 18.27 6.05 29.23
N LEU B 237 19.38 6.08 28.52
CA LEU B 237 19.54 5.39 27.25
C LEU B 237 19.52 3.87 27.41
N LEU B 238 20.25 3.37 28.39
CA LEU B 238 20.30 1.94 28.65
C LEU B 238 18.93 1.40 29.07
N ASN B 239 18.27 2.12 29.97
CA ASN B 239 16.96 1.72 30.47
C ASN B 239 15.93 1.62 29.34
N ALA B 240 15.96 2.58 28.42
CA ALA B 240 15.05 2.59 27.29
C ALA B 240 15.30 1.40 26.36
N LEU B 241 16.57 1.12 26.10
CA LEU B 241 16.95 -0.01 25.25
C LEU B 241 16.54 -1.35 25.85
N ASN B 242 16.75 -1.52 27.15
CA ASN B 242 16.35 -2.74 27.83
C ASN B 242 14.84 -2.95 27.74
N GLU B 243 14.08 -1.86 27.77
CA GLU B 243 12.64 -1.94 27.61
C GLU B 243 12.29 -2.34 26.18
N GLY B 244 12.99 -1.76 25.22
CA GLY B 244 12.79 -2.08 23.81
C GLY B 244 13.09 -3.53 23.50
N ILE B 245 14.16 -4.05 24.09
CA ILE B 245 14.56 -5.44 23.87
C ILE B 245 13.53 -6.39 24.47
N SER B 246 13.07 -6.08 25.67
CA SER B 246 12.12 -6.91 26.39
C SER B 246 10.70 -6.85 25.81
N ARG B 247 10.40 -5.79 25.06
CA ARG B 247 9.06 -5.61 24.50
C ARG B 247 8.97 -5.80 22.99
N ALA B 248 10.09 -5.68 22.28
CA ALA B 248 10.06 -5.68 20.82
C ALA B 248 11.16 -6.52 20.19
N ASP B 249 11.02 -6.81 18.89
CA ASP B 249 12.02 -7.56 18.14
C ASP B 249 12.99 -6.63 17.44
N VAL B 250 12.54 -5.39 17.17
CA VAL B 250 13.38 -4.40 16.51
C VAL B 250 13.39 -3.10 17.30
N ILE B 251 14.56 -2.49 17.43
CA ILE B 251 14.68 -1.20 18.09
C ILE B 251 15.27 -0.14 17.16
N ILE B 252 14.54 0.96 16.98
CA ILE B 252 15.00 2.05 16.13
C ILE B 252 15.18 3.33 16.94
N THR B 253 16.35 3.94 16.83
CA THR B 253 16.61 5.21 17.50
C THR B 253 17.12 6.23 16.49
N SER B 254 16.89 7.51 16.78
CA SER B 254 17.34 8.57 15.88
C SER B 254 17.93 9.75 16.66
N GLY B 255 19.02 10.30 16.13
CA GLY B 255 19.65 11.47 16.73
C GLY B 255 20.83 11.15 17.61
N ASP B 263 28.20 9.94 20.80
CA ASP B 263 29.08 8.83 21.11
C ASP B 263 28.51 7.92 22.18
N TYR B 264 27.61 8.46 22.99
CA TYR B 264 27.02 7.75 24.12
C TYR B 264 26.25 6.51 23.70
N LEU B 265 25.61 6.57 22.53
CA LEU B 265 24.77 5.48 22.05
C LEU B 265 25.58 4.22 21.76
N LYS B 266 26.63 4.38 20.96
CA LYS B 266 27.47 3.27 20.54
C LYS B 266 28.21 2.63 21.71
N GLN B 267 28.54 3.44 22.73
CA GLN B 267 29.19 2.91 23.92
C GLN B 267 28.27 1.96 24.66
N VAL B 268 27.01 2.34 24.80
CA VAL B 268 26.02 1.54 25.52
C VAL B 268 25.82 0.19 24.84
N LEU B 269 25.73 0.21 23.51
CA LEU B 269 25.54 -1.00 22.75
C LEU B 269 26.73 -1.94 22.90
N ASP B 270 27.92 -1.36 22.88
CA ASP B 270 29.16 -2.13 22.91
C ASP B 270 29.52 -2.62 24.30
N ILE B 271 29.51 -1.70 25.27
CA ILE B 271 30.00 -2.00 26.61
C ILE B 271 28.91 -2.52 27.54
N ASP B 272 27.72 -1.94 27.45
CA ASP B 272 26.65 -2.27 28.40
C ASP B 272 25.81 -3.46 27.94
N LEU B 273 25.38 -3.44 26.68
CA LEU B 273 24.53 -4.50 26.14
C LEU B 273 25.35 -5.65 25.56
N HIS B 274 26.64 -5.40 25.35
CA HIS B 274 27.56 -6.38 24.76
C HIS B 274 27.08 -6.80 23.37
N ALA B 275 26.49 -5.85 22.65
CA ALA B 275 25.95 -6.11 21.32
C ALA B 275 27.02 -6.00 20.24
N GLN B 276 26.70 -6.50 19.04
CA GLN B 276 27.60 -6.42 17.91
C GLN B 276 27.21 -5.32 16.93
N ILE B 277 28.01 -4.26 16.87
CA ILE B 277 27.78 -3.16 15.93
C ILE B 277 28.46 -3.45 14.59
N HIS B 278 27.65 -3.61 13.54
CA HIS B 278 28.15 -4.05 12.24
C HIS B 278 28.74 -2.91 11.41
N PHE B 279 28.07 -1.76 11.41
CA PHE B 279 28.66 -0.55 10.83
C PHE B 279 28.11 0.71 11.48
N GLY B 280 28.88 1.79 11.44
CA GLY B 280 28.50 3.03 12.07
C GLY B 280 28.46 4.21 11.13
N ARG B 281 29.02 4.04 9.93
CA ARG B 281 28.96 5.06 8.90
C ARG B 281 28.78 4.43 7.53
N VAL B 282 27.96 5.07 6.69
CA VAL B 282 27.68 4.56 5.35
C VAL B 282 27.85 5.63 4.28
N PHE B 283 28.58 5.31 3.22
CA PHE B 283 28.86 6.25 2.15
C PHE B 283 27.60 6.52 1.33
N MET B 284 26.77 7.43 1.83
CA MET B 284 25.50 7.75 1.18
C MET B 284 25.05 9.16 1.53
N LYS B 285 24.09 9.67 0.76
CA LYS B 285 23.49 10.96 1.03
C LYS B 285 22.00 10.94 0.72
N PRO B 286 21.15 11.13 1.74
CA PRO B 286 21.50 11.35 3.14
C PRO B 286 21.75 10.04 3.87
N GLY B 287 22.18 10.10 5.13
CA GLY B 287 22.27 8.89 5.94
C GLY B 287 23.67 8.47 6.37
N LEU B 288 24.64 9.37 6.24
CA LEU B 288 26.03 9.06 6.60
C LEU B 288 26.21 8.46 8.01
N PRO B 289 25.59 9.04 9.05
CA PRO B 289 25.85 8.46 10.37
C PRO B 289 24.94 7.29 10.76
N THR B 290 24.40 6.57 9.78
CA THR B 290 23.55 5.41 10.05
C THR B 290 24.32 4.26 10.71
N THR B 291 23.77 3.74 11.82
CA THR B 291 24.40 2.65 12.55
C THR B 291 23.47 1.44 12.66
N PHE B 292 24.02 0.25 12.43
CA PHE B 292 23.23 -0.98 12.49
C PHE B 292 23.92 -2.00 13.41
N ALA B 293 23.17 -2.55 14.35
CA ALA B 293 23.72 -3.52 15.30
C ALA B 293 22.77 -4.67 15.58
N THR B 294 23.34 -5.81 15.97
CA THR B 294 22.55 -6.98 16.33
C THR B 294 22.80 -7.36 17.79
N LEU B 295 21.82 -7.99 18.42
CA LEU B 295 21.98 -8.45 19.79
C LEU B 295 21.31 -9.79 20.01
N ASP B 296 22.08 -10.77 20.48
CA ASP B 296 21.56 -12.10 20.70
C ASP B 296 21.32 -12.33 22.19
N ILE B 297 20.05 -12.48 22.56
CA ILE B 297 19.67 -12.76 23.93
C ILE B 297 18.72 -13.95 23.97
N ASP B 298 19.15 -15.00 24.68
CA ASP B 298 18.37 -16.22 24.85
C ASP B 298 17.98 -16.85 23.51
N GLY B 299 18.97 -17.04 22.65
CA GLY B 299 18.75 -17.67 21.36
C GLY B 299 17.86 -16.87 20.43
N VAL B 300 17.55 -15.64 20.82
CA VAL B 300 16.72 -14.75 20.02
C VAL B 300 17.53 -13.56 19.57
N ARG B 301 17.47 -13.24 18.28
CA ARG B 301 18.23 -12.12 17.75
C ARG B 301 17.38 -10.87 17.62
N LYS B 302 17.76 -9.83 18.35
CA LYS B 302 17.15 -8.52 18.21
C LYS B 302 18.06 -7.66 17.35
N ILE B 303 17.47 -6.81 16.52
CA ILE B 303 18.27 -5.91 15.68
C ILE B 303 18.00 -4.45 16.04
N ILE B 304 19.04 -3.62 15.89
CA ILE B 304 18.95 -2.23 16.29
C ILE B 304 19.36 -1.27 15.17
N PHE B 305 18.51 -0.28 14.91
CA PHE B 305 18.79 0.74 13.91
C PHE B 305 18.99 2.11 14.55
N ALA B 306 20.18 2.68 14.35
CA ALA B 306 20.44 4.03 14.82
C ALA B 306 20.47 4.98 13.63
N LEU B 307 19.35 5.65 13.39
CA LEU B 307 19.20 6.52 12.22
C LEU B 307 19.62 7.95 12.54
N PRO B 308 20.01 8.72 11.51
CA PRO B 308 20.44 10.11 11.69
C PRO B 308 19.33 11.01 12.24
N GLY B 309 19.74 12.08 12.92
CA GLY B 309 18.81 13.02 13.53
C GLY B 309 18.06 13.87 12.53
N ASN B 310 18.64 14.08 11.35
CA ASN B 310 17.98 14.85 10.31
C ASN B 310 16.75 14.12 9.80
N PRO B 311 15.59 14.79 9.80
CA PRO B 311 14.29 14.20 9.49
C PRO B 311 14.24 13.51 8.12
N VAL B 312 14.87 14.13 7.12
CA VAL B 312 14.92 13.54 5.79
C VAL B 312 15.85 12.33 5.79
N SER B 313 16.99 12.47 6.47
CA SER B 313 17.93 11.37 6.60
C SER B 313 17.29 10.17 7.28
N ALA B 314 16.41 10.45 8.25
CA ALA B 314 15.73 9.41 9.01
C ALA B 314 14.79 8.60 8.14
N VAL B 315 13.92 9.28 7.40
CA VAL B 315 12.90 8.59 6.61
C VAL B 315 13.49 7.88 5.38
N VAL B 316 14.58 8.43 4.84
CA VAL B 316 15.24 7.80 3.69
C VAL B 316 15.93 6.50 4.09
N THR B 317 16.72 6.54 5.16
CA THR B 317 17.44 5.37 5.63
C THR B 317 16.49 4.29 6.14
N CYS B 318 15.33 4.72 6.64
CA CYS B 318 14.31 3.80 7.11
C CYS B 318 13.80 2.91 5.98
N ASN B 319 13.49 3.53 4.84
CA ASN B 319 12.99 2.79 3.68
C ASN B 319 14.07 1.92 3.02
N LEU B 320 15.32 2.37 3.12
CA LEU B 320 16.44 1.64 2.51
C LEU B 320 16.90 0.43 3.32
N PHE B 321 16.93 0.57 4.65
CA PHE B 321 17.49 -0.48 5.49
C PHE B 321 16.46 -1.18 6.37
N VAL B 322 15.59 -0.40 7.00
CA VAL B 322 14.65 -0.95 7.97
C VAL B 322 13.53 -1.76 7.31
N VAL B 323 12.86 -1.16 6.33
CA VAL B 323 11.72 -1.80 5.68
C VAL B 323 12.06 -3.15 5.03
N PRO B 324 13.18 -3.23 4.27
CA PRO B 324 13.51 -4.56 3.74
C PRO B 324 13.82 -5.57 4.84
N ALA B 325 14.40 -5.10 5.94
CA ALA B 325 14.71 -5.96 7.07
C ALA B 325 13.44 -6.52 7.68
N LEU B 326 12.46 -5.64 7.88
CA LEU B 326 11.17 -6.02 8.44
C LEU B 326 10.44 -7.04 7.56
N ARG B 327 10.60 -6.89 6.25
CA ARG B 327 9.94 -7.79 5.31
C ARG B 327 10.56 -9.19 5.34
N LYS B 328 11.88 -9.27 5.48
CA LYS B 328 12.53 -10.56 5.64
C LYS B 328 12.08 -11.22 6.94
N MET B 329 11.95 -10.40 7.97
CA MET B 329 11.57 -10.86 9.30
C MET B 329 10.17 -11.47 9.33
N GLN B 330 9.26 -10.91 8.54
CA GLN B 330 7.88 -11.38 8.51
C GLN B 330 7.68 -12.55 7.55
N GLY B 331 8.78 -13.01 6.95
CA GLY B 331 8.74 -14.20 6.11
C GLY B 331 8.69 -13.96 4.61
N ILE B 332 8.77 -12.71 4.18
CA ILE B 332 8.75 -12.41 2.75
C ILE B 332 10.03 -12.95 2.11
N LEU B 333 9.87 -13.77 1.08
CA LEU B 333 10.99 -14.45 0.45
C LEU B 333 11.94 -13.50 -0.27
N ASP B 334 11.40 -12.45 -0.87
CA ASP B 334 12.24 -11.42 -1.48
C ASP B 334 11.95 -10.06 -0.85
N PRO B 335 12.65 -9.74 0.25
CA PRO B 335 12.42 -8.52 1.02
C PRO B 335 12.97 -7.29 0.32
N ARG B 336 13.64 -7.52 -0.80
CA ARG B 336 14.21 -6.44 -1.59
C ARG B 336 13.11 -5.53 -2.13
N PRO B 337 13.35 -4.21 -2.12
CA PRO B 337 12.35 -3.24 -2.56
C PRO B 337 12.17 -3.22 -4.07
N THR B 338 11.03 -2.71 -4.54
CA THR B 338 10.76 -2.62 -5.97
C THR B 338 11.40 -1.36 -6.56
N ILE B 339 12.17 -1.54 -7.63
CA ILE B 339 12.85 -0.43 -8.29
C ILE B 339 12.38 -0.26 -9.73
N ILE B 340 11.85 0.91 -10.05
CA ILE B 340 11.29 1.19 -11.37
C ILE B 340 12.05 2.30 -12.09
N LYS B 341 12.06 2.24 -13.42
CA LYS B 341 12.74 3.25 -14.25
C LYS B 341 11.82 4.45 -14.48
N ALA B 342 12.36 5.65 -14.28
CA ALA B 342 11.56 6.87 -14.42
C ALA B 342 12.39 8.05 -14.94
N ARG B 343 11.70 9.09 -15.37
CA ARG B 343 12.34 10.31 -15.89
C ARG B 343 12.38 11.43 -14.85
N LEU B 344 13.51 12.13 -14.76
CA LEU B 344 13.61 13.30 -13.90
C LEU B 344 12.68 14.40 -14.38
N SER B 345 11.98 15.04 -13.45
CA SER B 345 11.17 16.20 -13.78
C SER B 345 12.04 17.45 -13.73
N CYS B 346 13.16 17.35 -13.01
CA CYS B 346 14.07 18.47 -12.81
C CYS B 346 15.52 18.06 -13.06
N ASP B 347 16.36 19.05 -13.40
CA ASP B 347 17.80 18.82 -13.51
C ASP B 347 18.40 18.60 -12.12
N VAL B 348 19.38 17.70 -12.03
CA VAL B 348 20.02 17.41 -10.75
C VAL B 348 21.52 17.22 -10.90
N LYS B 349 22.28 17.68 -9.91
CA LYS B 349 23.73 17.49 -9.88
C LYS B 349 24.10 16.22 -9.13
N LEU B 350 25.13 15.54 -9.60
CA LEU B 350 25.56 14.29 -8.98
C LEU B 350 26.56 14.52 -7.87
N ASP B 351 26.49 13.69 -6.83
CA ASP B 351 27.39 13.77 -5.69
C ASP B 351 28.32 12.56 -5.75
N PRO B 352 29.55 12.70 -5.21
CA PRO B 352 30.44 11.53 -5.13
C PRO B 352 29.81 10.35 -4.41
N ARG B 353 28.83 10.64 -3.54
CA ARG B 353 28.05 9.61 -2.87
C ARG B 353 26.80 9.26 -3.67
N PRO B 354 26.31 8.02 -3.55
CA PRO B 354 24.99 7.70 -4.09
C PRO B 354 23.92 8.48 -3.33
N GLU B 355 23.01 9.11 -4.05
CA GLU B 355 22.08 10.06 -3.43
C GLU B 355 20.62 9.60 -3.52
N TYR B 356 19.82 9.96 -2.52
CA TYR B 356 18.42 9.57 -2.48
C TYR B 356 17.49 10.73 -2.11
N HIS B 357 16.39 10.86 -2.85
CA HIS B 357 15.41 11.91 -2.60
C HIS B 357 13.99 11.38 -2.66
N ARG B 358 13.14 11.81 -1.73
CA ARG B 358 11.73 11.51 -1.82
C ARG B 358 11.17 12.21 -3.05
N CYS B 359 10.31 11.51 -3.79
CA CYS B 359 9.72 12.10 -4.98
C CYS B 359 8.32 11.56 -5.25
N ILE B 360 7.63 12.17 -6.19
CA ILE B 360 6.30 11.73 -6.56
C ILE B 360 6.30 11.17 -7.96
N LEU B 361 5.89 9.91 -8.10
CA LEU B 361 5.79 9.26 -9.40
C LEU B 361 4.42 9.47 -10.00
N THR B 362 4.37 9.93 -11.24
CA THR B 362 3.10 10.10 -11.93
C THR B 362 3.21 9.56 -13.35
N TRP B 363 2.24 8.72 -13.71
CA TRP B 363 2.22 8.10 -15.03
C TRP B 363 1.33 8.90 -15.99
N HIS B 364 1.86 9.18 -17.17
CA HIS B 364 1.10 9.91 -18.17
C HIS B 364 0.65 8.94 -19.26
N HIS B 365 -0.64 8.94 -19.54
CA HIS B 365 -1.24 7.99 -20.48
C HIS B 365 -0.57 7.99 -21.85
N GLN B 366 -0.05 9.14 -22.26
CA GLN B 366 0.56 9.28 -23.57
C GLN B 366 2.07 9.10 -23.52
N GLU B 367 2.57 8.57 -22.41
CA GLU B 367 4.00 8.37 -22.22
C GLU B 367 4.28 7.02 -21.58
N PRO B 368 5.28 6.29 -22.09
CA PRO B 368 5.56 4.93 -21.61
C PRO B 368 6.10 4.87 -20.18
N LEU B 369 7.03 5.77 -19.85
CA LEU B 369 7.66 5.78 -18.54
C LEU B 369 7.08 6.87 -17.65
N PRO B 370 7.07 6.63 -16.33
CA PRO B 370 6.60 7.62 -15.35
C PRO B 370 7.62 8.72 -15.07
N TRP B 371 7.13 9.84 -14.56
CA TRP B 371 7.98 10.96 -14.20
C TRP B 371 8.24 11.02 -12.70
N ALA B 372 9.43 11.45 -12.31
CA ALA B 372 9.78 11.61 -10.91
C ALA B 372 10.02 13.07 -10.60
N GLN B 373 9.26 13.62 -9.68
CA GLN B 373 9.40 15.02 -9.28
C GLN B 373 9.98 15.13 -7.89
N SER B 374 11.17 15.71 -7.80
CA SER B 374 11.87 15.86 -6.53
C SER B 374 11.05 16.66 -5.50
N THR B 375 11.20 16.30 -4.25
CA THR B 375 10.63 17.06 -3.15
C THR B 375 11.65 17.14 -2.02
N GLY B 376 12.74 16.40 -2.19
CA GLY B 376 13.83 16.38 -1.23
C GLY B 376 14.74 17.60 -1.28
N ASN B 377 14.17 18.74 -1.67
CA ASN B 377 14.90 19.99 -1.67
C ASN B 377 14.36 20.92 -0.58
N GLN B 378 14.07 20.32 0.57
CA GLN B 378 13.49 21.03 1.71
C GLN B 378 14.40 22.12 2.25
N MET B 379 13.88 22.84 3.26
CA MET B 379 14.64 23.87 3.98
C MET B 379 15.03 25.05 3.09
N SER B 380 14.47 25.11 1.89
CA SER B 380 14.67 26.23 0.99
C SER B 380 13.43 26.42 0.13
N SER B 381 13.19 25.45 -0.76
CA SER B 381 11.96 25.43 -1.55
C SER B 381 11.34 24.03 -1.47
N ARG B 382 10.20 23.92 -0.80
CA ARG B 382 9.54 22.63 -0.62
C ARG B 382 8.24 22.57 -1.43
N LEU B 383 8.17 21.60 -2.34
CA LEU B 383 6.99 21.43 -3.18
C LEU B 383 5.76 21.00 -2.38
N MET B 384 4.83 21.93 -2.20
CA MET B 384 3.55 21.60 -1.56
C MET B 384 2.59 20.95 -2.54
N SER B 385 2.70 19.62 -2.67
CA SER B 385 1.76 18.87 -3.47
C SER B 385 0.73 18.23 -2.55
N MET B 386 -0.43 17.89 -3.12
CA MET B 386 -1.49 17.24 -2.37
C MET B 386 -1.35 15.73 -2.48
N ARG B 387 -0.26 15.30 -3.13
CA ARG B 387 0.08 13.90 -3.21
C ARG B 387 1.29 13.65 -2.33
N SER B 388 1.28 12.53 -1.61
CA SER B 388 2.41 12.17 -0.77
C SER B 388 3.49 11.51 -1.63
N ALA B 389 4.74 11.66 -1.21
CA ALA B 389 5.85 11.05 -1.94
C ALA B 389 5.75 9.54 -1.90
N ASN B 390 5.78 8.92 -3.08
CA ASN B 390 5.65 7.47 -3.17
C ASN B 390 6.88 6.82 -3.79
N GLY B 391 7.95 7.61 -3.96
CA GLY B 391 9.16 7.10 -4.58
C GLY B 391 10.44 7.57 -3.93
N LEU B 392 11.48 6.77 -4.07
CA LEU B 392 12.81 7.14 -3.61
C LEU B 392 13.75 7.21 -4.80
N LEU B 393 14.09 8.43 -5.21
CA LEU B 393 14.97 8.66 -6.33
C LEU B 393 16.36 8.11 -6.04
N MET B 394 16.91 7.32 -6.95
CA MET B 394 18.24 6.75 -6.75
C MET B 394 19.25 7.40 -7.69
N LEU B 395 19.95 8.40 -7.18
CA LEU B 395 20.92 9.13 -7.98
C LEU B 395 22.29 8.49 -7.86
N PRO B 396 22.99 8.34 -9.00
CA PRO B 396 24.28 7.66 -9.07
C PRO B 396 25.43 8.50 -8.52
N PRO B 397 26.54 7.85 -8.13
CA PRO B 397 27.75 8.59 -7.76
C PRO B 397 28.37 9.24 -9.01
N LYS B 398 29.00 10.39 -8.83
CA LYS B 398 29.53 11.17 -9.94
C LYS B 398 30.68 10.45 -10.65
N THR B 399 30.81 10.70 -11.95
CA THR B 399 31.88 10.13 -12.75
C THR B 399 32.64 11.23 -13.50
N GLU B 400 33.77 10.86 -14.10
CA GLU B 400 34.59 11.79 -14.86
C GLU B 400 33.81 12.49 -15.98
N GLN B 401 32.88 11.76 -16.59
CA GLN B 401 32.11 12.29 -17.71
C GLN B 401 30.81 12.95 -17.26
N TYR B 402 30.00 12.22 -16.52
CA TYR B 402 28.70 12.72 -16.09
C TYR B 402 28.77 13.36 -14.71
N VAL B 403 28.44 14.65 -14.64
CA VAL B 403 28.49 15.41 -13.41
C VAL B 403 27.10 15.91 -13.06
N GLU B 404 26.20 15.83 -14.03
CA GLU B 404 24.84 16.33 -13.88
C GLU B 404 23.88 15.53 -14.74
N LEU B 405 22.65 15.37 -14.25
CA LEU B 405 21.62 14.65 -15.00
C LEU B 405 20.52 15.62 -15.40
N HIS B 406 20.06 15.50 -16.63
CA HIS B 406 19.13 16.48 -17.21
C HIS B 406 17.71 15.96 -17.25
N LYS B 407 16.76 16.90 -17.27
CA LYS B 407 15.34 16.60 -17.38
C LYS B 407 15.01 15.61 -18.49
N GLY B 408 14.32 14.53 -18.13
CA GLY B 408 13.90 13.53 -19.09
C GLY B 408 14.71 12.24 -19.08
N GLU B 409 15.93 12.32 -18.55
CA GLU B 409 16.82 11.16 -18.55
C GLU B 409 16.39 10.12 -17.52
N VAL B 410 16.64 8.85 -17.83
CA VAL B 410 16.11 7.74 -17.06
C VAL B 410 16.95 7.35 -15.84
N VAL B 411 16.33 7.36 -14.67
CA VAL B 411 16.98 6.97 -13.42
C VAL B 411 16.20 5.89 -12.68
N ASP B 412 16.83 5.30 -11.67
CA ASP B 412 16.17 4.30 -10.83
C ASP B 412 15.39 4.97 -9.71
N VAL B 413 14.16 4.49 -9.47
CA VAL B 413 13.33 5.00 -8.41
C VAL B 413 12.82 3.84 -7.55
N MET B 414 13.01 3.96 -6.24
CA MET B 414 12.55 2.92 -5.32
C MET B 414 11.13 3.23 -4.86
N VAL B 415 10.19 2.33 -5.17
CA VAL B 415 8.82 2.51 -4.76
C VAL B 415 8.72 2.35 -3.25
N ILE B 416 8.17 3.37 -2.58
CA ILE B 416 8.08 3.35 -1.13
C ILE B 416 6.68 3.62 -0.61
N GLY B 417 5.68 3.15 -1.33
CA GLY B 417 4.30 3.29 -0.89
C GLY B 417 3.30 2.87 -1.95
N ARG B 418 2.03 2.79 -1.56
CA ARG B 418 0.96 2.60 -2.53
C ARG B 418 0.98 3.75 -3.53
N LEU B 419 0.82 3.41 -4.81
CA LEU B 419 0.89 4.42 -5.86
C LEU B 419 -0.35 5.33 -5.86
N PHE C 1 21.37 -7.06 -8.58
CA PHE C 1 20.51 -6.11 -7.87
C PHE C 1 21.32 -5.25 -6.91
N SER C 2 21.33 -3.95 -7.17
CA SER C 2 22.04 -2.99 -6.33
C SER C 2 21.20 -1.73 -6.12
N ILE C 3 21.20 -1.22 -4.90
CA ILE C 3 20.47 0.01 -4.61
C ILE C 3 21.32 1.25 -4.89
N VAL C 4 21.81 1.32 -6.12
CA VAL C 4 22.57 2.47 -6.58
C VAL C 4 22.11 2.82 -7.99
N GLY C 5 21.94 4.10 -8.26
CA GLY C 5 21.37 4.54 -9.52
C GLY C 5 22.18 4.04 -10.72
N THR C 6 21.46 3.66 -11.77
CA THR C 6 22.10 3.15 -12.97
C THR C 6 21.98 4.14 -14.13
N LEU C 7 23.12 4.46 -14.73
CA LEU C 7 23.21 5.50 -15.74
C LEU C 7 22.67 5.01 -17.08
N TYR C 8 22.15 5.93 -17.87
CA TYR C 8 21.65 5.62 -19.20
C TYR C 8 22.30 6.54 -20.24
N PRO C 9 22.74 5.97 -21.37
CA PRO C 9 23.39 6.73 -22.43
C PRO C 9 22.42 7.68 -23.14
N PHE D 1 -10.24 10.49 -18.71
CA PHE D 1 -9.58 9.35 -19.34
C PHE D 1 -10.54 8.18 -19.45
N SER D 2 -10.04 7.03 -19.86
CA SER D 2 -10.86 5.82 -19.96
C SER D 2 -10.12 4.60 -19.40
N ILE D 3 -10.84 3.78 -18.65
CA ILE D 3 -10.29 2.53 -18.14
C ILE D 3 -10.52 1.42 -19.16
N VAL D 4 -10.06 1.65 -20.38
CA VAL D 4 -10.14 0.67 -21.45
C VAL D 4 -8.77 0.66 -22.11
N GLY D 5 -8.24 -0.54 -22.33
CA GLY D 5 -6.88 -0.69 -22.81
C GLY D 5 -6.63 -0.01 -24.14
N THR D 6 -5.48 0.64 -24.27
CA THR D 6 -5.11 1.28 -25.51
C THR D 6 -3.94 0.55 -26.16
N LEU D 7 -4.20 0.02 -27.35
CA LEU D 7 -3.22 -0.81 -28.06
C LEU D 7 -2.25 0.01 -28.91
N TYR D 8 -1.02 -0.50 -29.04
CA TYR D 8 -0.03 0.07 -29.94
C TYR D 8 0.60 -1.02 -30.79
N PRO D 9 0.78 -0.75 -32.10
CA PRO D 9 1.36 -1.75 -33.01
C PRO D 9 2.83 -2.06 -32.71
#